data_4MAM
#
_entry.id   4MAM
#
_cell.length_a   73.241
_cell.length_b   85.393
_cell.length_c   127.120
_cell.angle_alpha   90.00
_cell.angle_beta   90.00
_cell.angle_gamma   90.00
#
_symmetry.space_group_name_H-M   'P 21 21 21'
#
loop_
_entity.id
_entity.type
_entity.pdbx_description
1 polymer 'Phosphoribosylaminoimidazole carboxylase, ATPase subunit'
2 non-polymer 'PHOSPHOMETHYLPHOSPHONIC ACID ADENOSYL ESTER'
3 non-polymer GLYCEROL
4 water water
#
_entity_poly.entity_id   1
_entity_poly.type   'polypeptide(L)'
_entity_poly.pdbx_seq_one_letter_code
;(MSE)KIGIIGAGQLAR(MSE)LSLAGTPLGLEFHCLGKNGDCAEEVVKTVTDIELTKVNDVVAWAKQFDVITFENENIS
HELIKAINHEVSVYPSAKAIAISQDRLLEKSF(MSE)QDHGIATAKFVNIDSLAKLQSAVDDHGLPAILKTRRFGYDGKG
QFVIRSQEDITKAWDVLKDAPDGLIYEAFVDFDYEVSQICTADLKGNIAFYPLARNTHKQGIIVESEAPFENVVLAEKAQ
QIAKILVKEFAYVGTLAIEFFVKGDELIVNEIAPRVHNSGHWSIDGAVTSQFENHVRAIAGLILGDTTSRKTV(MSE)LN
CIGG(MSE)PATKDLAALDRVKIHSYNKEPRKGRKVGHLNLNLNDETDEYQLLQVKKLIALSEEIAGENLYFQ
;
_entity_poly.pdbx_strand_id   A,B
#
# COMPACT_ATOMS: atom_id res chain seq x y z
N LYS A 2 -15.80 0.45 11.05
CA LYS A 2 -16.20 0.32 9.66
C LYS A 2 -16.42 1.68 9.02
N ILE A 3 -15.79 1.87 7.86
CA ILE A 3 -15.88 3.12 7.13
C ILE A 3 -16.65 2.89 5.84
N GLY A 4 -17.72 3.67 5.63
CA GLY A 4 -18.45 3.66 4.37
C GLY A 4 -17.98 4.77 3.46
N ILE A 5 -17.76 4.45 2.19
CA ILE A 5 -17.36 5.46 1.22
C ILE A 5 -18.41 5.53 0.13
N ILE A 6 -18.92 6.73 -0.13
CA ILE A 6 -19.80 6.92 -1.29
C ILE A 6 -18.93 7.04 -2.52
N GLY A 7 -19.04 6.04 -3.39
CA GLY A 7 -18.20 5.94 -4.58
C GLY A 7 -17.26 4.76 -4.47
N ALA A 8 -17.03 4.09 -5.59
CA ALA A 8 -16.15 2.92 -5.63
C ALA A 8 -15.08 3.05 -6.72
N GLY A 9 -14.65 4.28 -6.99
CA GLY A 9 -13.65 4.54 -8.01
C GLY A 9 -12.24 4.51 -7.43
N GLN A 10 -11.29 5.08 -8.17
CA GLN A 10 -9.88 4.96 -7.77
C GLN A 10 -9.53 5.68 -6.49
N LEU A 11 -10.25 6.77 -6.17
CA LEU A 11 -9.97 7.45 -4.90
C LEU A 11 -10.39 6.57 -3.72
N ALA A 12 -11.55 5.94 -3.83
CA ALA A 12 -12.00 4.97 -2.82
C ALA A 12 -11.03 3.79 -2.74
N ARG A 13 -10.59 3.31 -3.89
CA ARG A 13 -9.60 2.23 -3.95
C ARG A 13 -8.35 2.57 -3.14
N LEU A 15 -8.03 5.01 -0.85
CA LEU A 15 -8.35 5.17 0.58
C LEU A 15 -8.32 3.84 1.30
N SER A 16 -8.88 2.79 0.69
CA SER A 16 -8.89 1.48 1.32
C SER A 16 -7.49 0.86 1.36
N LEU A 17 -6.73 1.00 0.29
CA LEU A 17 -5.35 0.50 0.32
C LEU A 17 -4.56 1.14 1.47
N ALA A 18 -4.78 2.43 1.69
CA ALA A 18 -4.04 3.14 2.74
C ALA A 18 -4.58 2.85 4.14
N GLY A 19 -5.90 2.69 4.24
CA GLY A 19 -6.55 2.57 5.55
C GLY A 19 -6.65 1.16 6.08
N THR A 20 -6.64 0.17 5.19
CA THR A 20 -6.79 -1.23 5.62
C THR A 20 -5.67 -1.70 6.57
N PRO A 21 -4.41 -1.31 6.32
CA PRO A 21 -3.38 -1.69 7.30
C PRO A 21 -3.58 -1.09 8.70
N LEU A 22 -4.41 -0.06 8.82
CA LEU A 22 -4.67 0.51 10.14
C LEU A 22 -5.71 -0.34 10.88
N GLY A 23 -6.23 -1.36 10.20
CA GLY A 23 -7.15 -2.32 10.79
C GLY A 23 -8.60 -1.92 10.60
N LEU A 24 -8.83 -0.96 9.71
CA LEU A 24 -10.17 -0.48 9.43
C LEU A 24 -10.80 -1.29 8.30
N GLU A 25 -12.12 -1.37 8.33
CA GLU A 25 -12.88 -2.14 7.34
C GLU A 25 -13.66 -1.18 6.45
N PHE A 26 -13.62 -1.43 5.15
CA PHE A 26 -14.13 -0.48 4.15
C PHE A 26 -15.29 -1.03 3.36
N HIS A 27 -16.29 -0.19 3.16
CA HIS A 27 -17.46 -0.56 2.36
C HIS A 27 -17.80 0.57 1.42
N CYS A 28 -18.10 0.25 0.16
CA CYS A 28 -18.42 1.30 -0.79
C CYS A 28 -19.86 1.24 -1.25
N LEU A 29 -20.40 2.41 -1.56
CA LEU A 29 -21.64 2.51 -2.30
C LEU A 29 -21.24 2.84 -3.74
N GLY A 30 -21.48 1.91 -4.65
CA GLY A 30 -21.13 2.13 -6.04
C GLY A 30 -21.46 0.94 -6.88
N LYS A 31 -21.01 0.95 -8.12
CA LYS A 31 -21.31 -0.14 -9.03
C LYS A 31 -20.33 -1.27 -8.81
N ASN A 32 -20.82 -2.49 -8.81
CA ASN A 32 -19.92 -3.62 -8.79
C ASN A 32 -19.22 -3.65 -10.14
N GLY A 33 -17.94 -3.97 -10.13
CA GLY A 33 -17.16 -3.81 -11.35
C GLY A 33 -16.29 -2.57 -11.27
N ASP A 34 -16.64 -1.65 -10.38
CA ASP A 34 -15.81 -0.45 -10.17
C ASP A 34 -14.49 -0.84 -9.53
N CYS A 35 -13.48 0.00 -9.66
CA CYS A 35 -12.13 -0.45 -9.35
C CYS A 35 -11.78 -0.58 -7.87
N ALA A 36 -12.62 -0.05 -6.98
CA ALA A 36 -12.37 -0.25 -5.57
C ALA A 36 -12.86 -1.61 -5.07
N GLU A 37 -13.67 -2.31 -5.86
CA GLU A 37 -14.35 -3.52 -5.38
CA GLU A 37 -14.34 -3.50 -5.34
C GLU A 37 -13.38 -4.57 -4.82
N GLU A 38 -12.28 -4.79 -5.53
CA GLU A 38 -11.37 -5.86 -5.15
C GLU A 38 -10.56 -5.57 -3.89
N VAL A 39 -10.60 -4.33 -3.39
CA VAL A 39 -9.87 -3.99 -2.17
C VAL A 39 -10.74 -3.55 -0.99
N VAL A 40 -12.06 -3.71 -1.12
CA VAL A 40 -12.94 -3.37 0.01
C VAL A 40 -13.80 -4.56 0.40
N LYS A 41 -14.36 -4.51 1.61
CA LYS A 41 -15.16 -5.61 2.12
C LYS A 41 -16.41 -5.84 1.28
N THR A 42 -17.18 -4.78 1.04
CA THR A 42 -18.39 -4.90 0.21
C THR A 42 -18.58 -3.66 -0.66
N VAL A 43 -19.28 -3.85 -1.77
CA VAL A 43 -19.75 -2.77 -2.62
C VAL A 43 -21.25 -2.97 -2.82
N THR A 44 -22.03 -1.92 -2.59
CA THR A 44 -23.48 -1.99 -2.73
C THR A 44 -23.96 -0.93 -3.70
N ASP A 45 -24.70 -1.36 -4.73
CA ASP A 45 -25.19 -0.45 -5.76
C ASP A 45 -26.59 0.07 -5.43
N ILE A 46 -26.64 1.30 -4.91
CA ILE A 46 -27.91 1.94 -4.58
C ILE A 46 -28.01 3.26 -5.34
N GLU A 47 -29.16 3.52 -5.96
CA GLU A 47 -29.37 4.79 -6.65
C GLU A 47 -29.33 5.91 -5.61
N LEU A 48 -28.45 6.89 -5.80
CA LEU A 48 -28.24 7.95 -4.80
C LEU A 48 -29.47 8.83 -4.56
N THR A 49 -30.42 8.82 -5.50
CA THR A 49 -31.65 9.57 -5.34
C THR A 49 -32.59 8.91 -4.35
N LYS A 50 -32.33 7.64 -4.04
CA LYS A 50 -33.14 6.91 -3.07
C LYS A 50 -32.58 7.19 -1.68
N VAL A 51 -32.93 8.35 -1.14
CA VAL A 51 -32.30 8.86 0.08
C VAL A 51 -32.44 7.89 1.24
N ASN A 52 -33.64 7.38 1.46
CA ASN A 52 -33.87 6.45 2.57
C ASN A 52 -33.02 5.21 2.48
N ASP A 53 -32.88 4.66 1.27
CA ASP A 53 -32.05 3.47 1.06
C ASP A 53 -30.57 3.76 1.30
N VAL A 54 -30.11 4.94 0.87
CA VAL A 54 -28.72 5.33 1.11
C VAL A 54 -28.47 5.49 2.60
N VAL A 55 -29.36 6.18 3.29
CA VAL A 55 -29.23 6.35 4.74
C VAL A 55 -29.18 4.99 5.47
N ALA A 56 -30.06 4.06 5.07
CA ALA A 56 -30.08 2.74 5.67
C ALA A 56 -28.74 2.01 5.45
N TRP A 57 -28.21 2.14 4.24
CA TRP A 57 -26.90 1.59 3.94
C TRP A 57 -25.83 2.19 4.86
N ALA A 58 -25.85 3.50 5.00
CA ALA A 58 -24.82 4.20 5.76
C ALA A 58 -24.83 3.84 7.24
N LYS A 59 -26.03 3.64 7.79
CA LYS A 59 -26.17 3.39 9.22
C LYS A 59 -25.53 2.06 9.65
N GLN A 60 -25.15 1.24 8.67
CA GLN A 60 -24.44 -0.01 8.96
C GLN A 60 -23.03 0.25 9.47
N PHE A 61 -22.53 1.46 9.24
CA PHE A 61 -21.12 1.72 9.48
C PHE A 61 -20.90 2.80 10.54
N ASP A 62 -19.64 3.07 10.87
CA ASP A 62 -19.33 3.95 11.99
C ASP A 62 -19.05 5.39 11.57
N VAL A 63 -18.61 5.56 10.32
CA VAL A 63 -18.36 6.88 9.75
C VAL A 63 -18.43 6.78 8.23
N ILE A 64 -18.80 7.87 7.58
CA ILE A 64 -18.99 7.89 6.14
C ILE A 64 -18.15 9.00 5.53
N THR A 65 -17.58 8.73 4.35
CA THR A 65 -16.98 9.78 3.56
C THR A 65 -17.37 9.57 2.09
N PHE A 66 -16.81 10.38 1.18
CA PHE A 66 -17.23 10.33 -0.20
C PHE A 66 -16.07 10.73 -1.08
N GLU A 67 -16.06 10.23 -2.32
CA GLU A 67 -14.93 10.54 -3.20
C GLU A 67 -15.27 11.59 -4.26
N ASN A 68 -16.54 11.95 -4.37
CA ASN A 68 -16.93 12.91 -5.40
C ASN A 68 -17.88 13.96 -4.85
N GLU A 69 -17.42 15.22 -4.80
CA GLU A 69 -18.22 16.29 -4.24
C GLU A 69 -19.40 16.73 -5.09
N ASN A 70 -19.60 16.10 -6.25
CA ASN A 70 -20.79 16.41 -7.06
C ASN A 70 -22.09 15.83 -6.50
N ILE A 71 -21.98 14.99 -5.47
CA ILE A 71 -23.19 14.42 -4.87
C ILE A 71 -24.02 15.46 -4.14
N SER A 72 -25.26 15.11 -3.86
CA SER A 72 -26.19 16.01 -3.20
C SER A 72 -25.78 16.31 -1.77
N HIS A 73 -25.64 17.60 -1.44
CA HIS A 73 -25.31 17.94 -0.06
C HIS A 73 -26.49 17.69 0.86
N GLU A 74 -27.71 17.71 0.31
CA GLU A 74 -28.89 17.37 1.09
C GLU A 74 -28.88 15.88 1.46
N LEU A 75 -28.35 15.05 0.58
CA LEU A 75 -28.18 13.62 0.89
C LEU A 75 -27.21 13.46 2.05
N ILE A 76 -26.08 14.14 1.98
CA ILE A 76 -25.08 14.07 3.06
C ILE A 76 -25.67 14.57 4.38
N LYS A 77 -26.41 15.67 4.32
CA LYS A 77 -27.09 16.18 5.52
C LYS A 77 -28.00 15.11 6.15
N ALA A 78 -28.79 14.43 5.33
CA ALA A 78 -29.68 13.37 5.82
C ALA A 78 -28.91 12.22 6.46
N ILE A 79 -27.84 11.77 5.81
CA ILE A 79 -27.03 10.69 6.37
C ILE A 79 -26.45 11.13 7.72
N ASN A 80 -25.97 12.36 7.76
CA ASN A 80 -25.27 12.89 8.93
C ASN A 80 -26.17 13.12 10.14
N HIS A 81 -27.48 13.04 9.96
CA HIS A 81 -28.38 13.07 11.12
C HIS A 81 -28.23 11.80 11.93
N GLU A 82 -27.68 10.75 11.30
CA GLU A 82 -27.67 9.44 11.94
C GLU A 82 -26.35 8.71 12.01
N VAL A 83 -25.43 9.03 11.11
CA VAL A 83 -24.07 8.52 11.18
C VAL A 83 -23.17 9.63 10.69
N SER A 84 -22.06 9.86 11.40
CA SER A 84 -21.15 10.94 11.03
C SER A 84 -20.65 10.85 9.61
N VAL A 85 -20.73 11.97 8.88
CA VAL A 85 -20.12 12.09 7.56
C VAL A 85 -19.08 13.19 7.60
N TYR A 86 -17.89 12.92 7.06
CA TYR A 86 -16.85 13.94 6.89
C TYR A 86 -16.30 13.85 5.49
N PRO A 87 -15.99 15.02 4.89
CA PRO A 87 -16.24 16.35 5.43
C PRO A 87 -17.70 16.79 5.33
N SER A 88 -17.96 18.05 5.68
CA SER A 88 -19.29 18.54 5.95
C SER A 88 -20.12 18.82 4.73
N ALA A 89 -21.43 18.85 4.90
CA ALA A 89 -22.33 19.22 3.83
C ALA A 89 -22.06 20.64 3.35
N LYS A 90 -21.61 21.51 4.25
CA LYS A 90 -21.29 22.89 3.88
C LYS A 90 -20.10 22.92 2.91
N ALA A 91 -19.07 22.12 3.20
CA ALA A 91 -17.92 22.04 2.32
C ALA A 91 -18.34 21.57 0.93
N ILE A 92 -19.21 20.55 0.88
CA ILE A 92 -19.72 20.06 -0.38
C ILE A 92 -20.50 21.12 -1.13
N ALA A 93 -21.44 21.77 -0.45
CA ALA A 93 -22.31 22.75 -1.10
C ALA A 93 -21.52 23.90 -1.73
N ILE A 94 -20.52 24.39 -1.02
CA ILE A 94 -19.73 25.50 -1.52
C ILE A 94 -18.77 25.04 -2.61
N SER A 95 -18.06 23.94 -2.36
CA SER A 95 -17.02 23.52 -3.29
C SER A 95 -17.55 22.98 -4.62
N GLN A 96 -18.79 22.48 -4.62
CA GLN A 96 -19.31 21.78 -5.81
C GLN A 96 -19.90 22.71 -6.86
N ASP A 97 -20.09 23.97 -6.50
CA ASP A 97 -20.71 24.95 -7.40
C ASP A 97 -19.73 26.09 -7.60
N ARG A 98 -19.25 26.27 -8.83
CA ARG A 98 -18.21 27.26 -9.09
C ARG A 98 -18.59 28.66 -8.63
N LEU A 99 -19.86 29.02 -8.78
CA LEU A 99 -20.29 30.36 -8.37
C LEU A 99 -20.26 30.51 -6.85
N LEU A 100 -20.80 29.53 -6.12
CA LEU A 100 -20.77 29.59 -4.66
C LEU A 100 -19.34 29.57 -4.12
N GLU A 101 -18.48 28.83 -4.80
CA GLU A 101 -17.08 28.70 -4.44
C GLU A 101 -16.37 30.04 -4.60
N LYS A 102 -16.47 30.63 -5.79
CA LYS A 102 -15.87 31.93 -6.06
C LYS A 102 -16.40 32.99 -5.13
N SER A 103 -17.71 32.97 -4.90
CA SER A 103 -18.34 33.96 -4.03
C SER A 103 -17.86 33.82 -2.60
N PHE A 104 -17.63 32.59 -2.16
CA PHE A 104 -17.13 32.37 -0.81
C PHE A 104 -15.74 32.99 -0.67
N GLN A 106 -14.40 35.41 -2.49
CA GLN A 106 -14.55 36.86 -2.55
C GLN A 106 -14.98 37.42 -1.20
N ASP A 107 -15.94 36.74 -0.58
CA ASP A 107 -16.46 37.20 0.71
C ASP A 107 -15.40 37.15 1.81
N HIS A 108 -14.38 36.31 1.64
CA HIS A 108 -13.30 36.22 2.62
C HIS A 108 -12.00 36.89 2.16
N GLY A 109 -12.11 37.74 1.14
CA GLY A 109 -10.96 38.52 0.68
C GLY A 109 -9.89 37.66 0.02
N ILE A 110 -10.28 36.50 -0.47
CA ILE A 110 -9.33 35.59 -1.10
C ILE A 110 -9.41 35.74 -2.62
N ALA A 111 -8.27 36.01 -3.25
CA ALA A 111 -8.24 36.28 -4.68
C ALA A 111 -8.67 35.11 -5.54
N THR A 112 -9.44 35.40 -6.59
CA THR A 112 -9.83 34.44 -7.63
C THR A 112 -9.81 35.12 -8.98
N ALA A 113 -10.09 34.36 -10.03
CA ALA A 113 -10.40 34.95 -11.33
C ALA A 113 -11.59 35.88 -11.20
N LYS A 114 -11.66 36.89 -12.05
CA LYS A 114 -12.88 37.67 -12.15
C LYS A 114 -13.96 36.74 -12.72
N PHE A 115 -15.15 36.80 -12.14
CA PHE A 115 -16.18 35.82 -12.47
C PHE A 115 -17.56 36.47 -12.51
N VAL A 116 -18.43 35.92 -13.35
CA VAL A 116 -19.80 36.40 -13.47
C VAL A 116 -20.74 35.21 -13.68
N ASN A 117 -21.85 35.18 -12.95
CA ASN A 117 -22.91 34.21 -13.20
C ASN A 117 -23.55 34.48 -14.56
N ILE A 118 -23.62 33.45 -15.40
CA ILE A 118 -24.15 33.61 -16.75
C ILE A 118 -25.45 32.84 -16.95
N ASP A 119 -26.55 33.56 -17.11
CA ASP A 119 -27.85 32.92 -17.32
C ASP A 119 -28.53 33.36 -18.61
N SER A 120 -27.79 34.07 -19.45
CA SER A 120 -28.29 34.47 -20.77
C SER A 120 -27.14 34.88 -21.65
N LEU A 121 -27.37 34.91 -22.96
CA LEU A 121 -26.35 35.40 -23.89
C LEU A 121 -26.04 36.87 -23.60
N ALA A 122 -27.06 37.65 -23.28
CA ALA A 122 -26.84 39.06 -22.95
C ALA A 122 -25.92 39.22 -21.75
N LYS A 123 -26.09 38.36 -20.75
CA LYS A 123 -25.23 38.42 -19.57
C LYS A 123 -23.79 38.08 -19.94
N LEU A 124 -23.62 37.12 -20.84
CA LEU A 124 -22.29 36.78 -21.33
C LEU A 124 -21.65 37.92 -22.11
N GLN A 125 -22.43 38.57 -22.98
CA GLN A 125 -21.90 39.69 -23.76
C GLN A 125 -21.41 40.78 -22.83
N SER A 126 -22.17 41.04 -21.78
CA SER A 126 -21.80 42.07 -20.80
C SER A 126 -20.55 41.69 -20.02
N ALA A 127 -20.43 40.41 -19.67
CA ALA A 127 -19.26 39.92 -18.96
C ALA A 127 -18.01 40.11 -19.83
N VAL A 128 -18.15 39.84 -21.14
CA VAL A 128 -17.05 40.06 -22.07
C VAL A 128 -16.75 41.56 -22.20
N ASP A 129 -17.79 42.38 -22.28
CA ASP A 129 -17.61 43.83 -22.34
C ASP A 129 -16.86 44.33 -21.13
N ASP A 130 -17.20 43.81 -19.95
CA ASP A 130 -16.62 44.30 -18.70
C ASP A 130 -15.23 43.76 -18.41
N HIS A 131 -15.00 42.50 -18.72
CA HIS A 131 -13.79 41.82 -18.27
C HIS A 131 -12.90 41.26 -19.38
N GLY A 132 -13.41 41.32 -20.62
CA GLY A 132 -12.58 41.06 -21.78
C GLY A 132 -12.40 39.61 -22.23
N LEU A 133 -11.60 39.47 -23.29
CA LEU A 133 -11.15 38.19 -23.81
C LEU A 133 -9.63 38.14 -23.70
N PRO A 134 -9.05 36.93 -23.55
CA PRO A 134 -9.74 35.64 -23.53
C PRO A 134 -10.47 35.40 -22.21
N ALA A 135 -11.38 34.43 -22.24
CA ALA A 135 -12.21 34.10 -21.10
C ALA A 135 -12.62 32.64 -21.21
N ILE A 136 -13.25 32.13 -20.17
CA ILE A 136 -13.74 30.75 -20.21
C ILE A 136 -15.16 30.74 -19.68
N LEU A 137 -16.04 30.03 -20.39
CA LEU A 137 -17.37 29.75 -19.88
C LEU A 137 -17.35 28.34 -19.30
N LYS A 138 -17.86 28.17 -18.09
CA LYS A 138 -17.79 26.88 -17.39
C LYS A 138 -19.12 26.53 -16.78
N THR A 139 -19.46 25.25 -16.76
CA THR A 139 -20.63 24.82 -15.98
C THR A 139 -20.37 25.04 -14.50
N ARG A 140 -21.40 25.49 -13.79
CA ARG A 140 -21.26 25.71 -12.35
C ARG A 140 -21.09 24.40 -11.61
N ARG A 141 -21.70 23.34 -12.14
CA ARG A 141 -21.64 22.04 -11.49
C ARG A 141 -21.20 20.94 -12.45
N PHE A 142 -20.67 19.86 -11.87
CA PHE A 142 -20.34 18.61 -12.57
C PHE A 142 -19.07 18.61 -13.41
N GLY A 143 -18.42 19.75 -13.54
CA GLY A 143 -17.19 19.83 -14.30
C GLY A 143 -16.03 19.10 -13.64
N TYR A 144 -15.26 18.37 -14.45
CA TYR A 144 -14.03 17.75 -13.99
C TYR A 144 -13.13 17.50 -15.20
N ASP A 145 -11.83 17.46 -14.96
CA ASP A 145 -10.84 17.23 -16.03
C ASP A 145 -11.08 18.15 -17.23
N GLY A 146 -11.51 19.38 -16.94
CA GLY A 146 -11.71 20.38 -17.98
C GLY A 146 -13.02 20.27 -18.74
N LYS A 147 -13.86 19.29 -18.40
CA LYS A 147 -15.13 19.10 -19.11
C LYS A 147 -16.14 20.18 -18.76
N GLY A 148 -17.06 20.45 -19.68
CA GLY A 148 -18.07 21.47 -19.43
C GLY A 148 -17.52 22.89 -19.53
N GLN A 149 -16.51 23.08 -20.37
CA GLN A 149 -15.90 24.40 -20.51
C GLN A 149 -15.75 24.77 -21.98
N PHE A 150 -15.74 26.08 -22.25
CA PHE A 150 -15.48 26.55 -23.60
C PHE A 150 -14.61 27.78 -23.47
N VAL A 151 -13.38 27.70 -24.01
CA VAL A 151 -12.47 28.84 -23.99
C VAL A 151 -12.85 29.81 -25.09
N ILE A 152 -13.13 31.05 -24.69
CA ILE A 152 -13.59 32.08 -25.61
C ILE A 152 -12.41 32.97 -25.98
N ARG A 153 -12.02 32.98 -27.25
CA ARG A 153 -10.88 33.79 -27.68
C ARG A 153 -11.26 34.90 -28.64
N SER A 154 -12.35 34.68 -29.36
CA SER A 154 -12.78 35.63 -30.38
C SER A 154 -14.22 36.02 -30.14
N GLN A 155 -14.66 37.08 -30.79
CA GLN A 155 -16.06 37.48 -30.72
CA GLN A 155 -16.06 37.48 -30.74
C GLN A 155 -16.98 36.36 -31.19
N GLU A 156 -16.58 35.66 -32.26
CA GLU A 156 -17.39 34.55 -32.79
C GLU A 156 -17.52 33.40 -31.79
N ASP A 157 -16.55 33.28 -30.88
CA ASP A 157 -16.60 32.22 -29.86
C ASP A 157 -17.68 32.44 -28.81
N ILE A 158 -18.17 33.67 -28.67
CA ILE A 158 -19.10 33.98 -27.59
C ILE A 158 -20.41 33.20 -27.72
N THR A 159 -21.00 33.25 -28.91
CA THR A 159 -22.24 32.53 -29.14
C THR A 159 -22.03 31.02 -29.13
N LYS A 160 -20.90 30.57 -29.67
CA LYS A 160 -20.59 29.14 -29.64
C LYS A 160 -20.53 28.63 -28.22
N ALA A 161 -19.83 29.37 -27.37
CA ALA A 161 -19.67 28.96 -25.97
C ALA A 161 -21.02 28.86 -25.29
N TRP A 162 -21.82 29.90 -25.45
CA TRP A 162 -23.18 29.92 -24.91
C TRP A 162 -23.98 28.73 -25.44
N ASP A 163 -23.93 28.48 -26.75
CA ASP A 163 -24.74 27.41 -27.31
C ASP A 163 -24.27 26.01 -26.89
N VAL A 164 -22.98 25.85 -26.67
CA VAL A 164 -22.46 24.55 -26.24
C VAL A 164 -22.89 24.23 -24.81
N LEU A 165 -22.94 25.25 -23.95
CA LEU A 165 -23.11 25.02 -22.52
C LEU A 165 -24.47 25.40 -21.92
N LYS A 166 -25.29 26.15 -22.66
CA LYS A 166 -26.49 26.78 -22.09
C LYS A 166 -27.53 25.82 -21.51
N ASP A 167 -27.51 24.55 -21.93
CA ASP A 167 -28.50 23.60 -21.44
C ASP A 167 -28.20 23.07 -20.03
N ALA A 168 -27.04 23.44 -19.48
CA ALA A 168 -26.66 23.00 -18.12
C ALA A 168 -27.69 23.47 -17.11
N PRO A 169 -28.40 22.53 -16.48
CA PRO A 169 -29.51 22.90 -15.60
C PRO A 169 -29.08 23.74 -14.39
N ASP A 170 -27.84 23.58 -13.96
CA ASP A 170 -27.38 24.27 -12.77
C ASP A 170 -26.61 25.54 -13.08
N GLY A 171 -26.62 25.96 -14.33
CA GLY A 171 -26.09 27.25 -14.69
C GLY A 171 -24.62 27.28 -15.05
N LEU A 172 -24.12 28.48 -15.29
CA LEU A 172 -22.81 28.69 -15.89
C LEU A 172 -22.12 29.85 -15.23
N ILE A 173 -20.79 29.88 -15.35
CA ILE A 173 -20.01 31.02 -14.89
C ILE A 173 -19.02 31.43 -15.99
N TYR A 174 -18.87 32.74 -16.16
CA TYR A 174 -17.81 33.33 -16.95
C TYR A 174 -16.62 33.53 -16.03
N GLU A 175 -15.43 33.20 -16.53
CA GLU A 175 -14.19 33.59 -15.85
C GLU A 175 -13.31 34.35 -16.83
N ALA A 176 -12.74 35.46 -16.37
CA ALA A 176 -11.69 36.10 -17.13
C ALA A 176 -10.42 35.27 -17.04
N PHE A 177 -9.64 35.28 -18.11
CA PHE A 177 -8.38 34.57 -18.10
C PHE A 177 -7.44 35.17 -17.07
N VAL A 178 -6.91 34.33 -16.20
CA VAL A 178 -5.95 34.79 -15.22
C VAL A 178 -4.56 34.78 -15.83
N ASP A 179 -3.84 35.88 -15.61
CA ASP A 179 -2.42 35.97 -15.91
C ASP A 179 -1.64 35.25 -14.81
N PHE A 180 -1.09 34.08 -15.12
CA PHE A 180 -0.30 33.33 -14.15
C PHE A 180 0.92 32.65 -14.77
N ASP A 181 1.91 32.34 -13.93
CA ASP A 181 3.16 31.75 -14.37
C ASP A 181 3.16 30.21 -14.33
N TYR A 182 2.54 29.66 -13.29
CA TYR A 182 2.39 28.21 -13.15
C TYR A 182 1.33 27.94 -12.09
N GLU A 183 1.06 26.67 -11.83
CA GLU A 183 0.00 26.27 -10.91
C GLU A 183 0.56 25.40 -9.81
N VAL A 184 0.07 25.62 -8.59
CA VAL A 184 0.42 24.77 -7.47
C VAL A 184 -0.83 24.40 -6.70
N SER A 185 -0.75 23.34 -5.91
CA SER A 185 -1.85 23.00 -5.02
C SER A 185 -1.37 22.80 -3.61
N GLN A 186 -2.25 23.15 -2.67
CA GLN A 186 -2.02 22.89 -1.26
C GLN A 186 -2.97 21.80 -0.82
N ILE A 187 -2.42 20.66 -0.43
CA ILE A 187 -3.23 19.62 0.16
C ILE A 187 -2.91 19.58 1.65
N CYS A 188 -3.96 19.39 2.45
CA CYS A 188 -3.77 19.30 3.90
C CYS A 188 -4.85 18.41 4.47
N THR A 189 -4.69 18.04 5.73
CA THR A 189 -5.67 17.18 6.40
C THR A 189 -5.99 17.78 7.74
N ALA A 190 -7.27 17.90 8.05
CA ALA A 190 -7.67 18.43 9.34
C ALA A 190 -8.30 17.32 10.18
N ASP A 191 -7.91 17.26 11.45
CA ASP A 191 -8.48 16.27 12.36
C ASP A 191 -9.73 16.79 13.08
N LEU A 192 -10.29 15.98 13.97
CA LEU A 192 -11.52 16.35 14.66
C LEU A 192 -11.39 17.61 15.54
N LYS A 193 -10.18 17.89 16.01
CA LYS A 193 -9.98 19.01 16.93
C LYS A 193 -9.64 20.31 16.22
N GLY A 194 -9.18 20.22 14.97
CA GLY A 194 -8.81 21.40 14.22
C GLY A 194 -7.33 21.51 13.94
N ASN A 195 -6.56 20.51 14.37
CA ASN A 195 -5.15 20.42 13.99
C ASN A 195 -5.10 20.18 12.50
N ILE A 196 -4.14 20.81 11.82
CA ILE A 196 -3.98 20.59 10.40
C ILE A 196 -2.59 20.05 10.11
N ALA A 197 -2.55 18.95 9.36
CA ALA A 197 -1.30 18.42 8.85
C ALA A 197 -1.16 18.94 7.43
N PHE A 198 -0.08 19.64 7.17
CA PHE A 198 0.16 20.22 5.86
C PHE A 198 1.13 19.38 5.05
N TYR A 199 0.84 19.24 3.76
CA TYR A 199 1.80 18.72 2.79
C TYR A 199 2.55 19.91 2.21
N PRO A 200 3.74 19.68 1.67
CA PRO A 200 4.34 20.78 0.90
C PRO A 200 3.49 21.07 -0.33
N LEU A 201 3.67 22.25 -0.91
CA LEU A 201 3.06 22.56 -2.20
C LEU A 201 3.49 21.56 -3.25
N ALA A 202 2.59 21.29 -4.18
CA ALA A 202 2.90 20.52 -5.37
C ALA A 202 2.74 21.42 -6.57
N ARG A 203 3.68 21.34 -7.52
CA ARG A 203 3.58 22.11 -8.77
C ARG A 203 2.97 21.21 -9.82
N ASN A 204 1.87 21.67 -10.43
CA ASN A 204 1.04 20.81 -11.28
C ASN A 204 1.01 21.31 -12.70
N THR A 205 1.22 20.37 -13.61
CA THR A 205 1.23 20.64 -15.04
C THR A 205 -0.04 20.07 -15.66
N HIS A 206 -0.74 20.89 -16.44
CA HIS A 206 -1.95 20.47 -17.13
C HIS A 206 -1.76 20.49 -18.64
N LYS A 207 -2.48 19.60 -19.34
CA LYS A 207 -2.50 19.60 -20.79
C LYS A 207 -3.96 19.53 -21.19
N GLN A 208 -4.42 20.49 -22.00
CA GLN A 208 -5.81 20.49 -22.46
C GLN A 208 -6.82 20.32 -21.31
N GLY A 209 -6.53 20.96 -20.18
CA GLY A 209 -7.45 20.99 -19.06
C GLY A 209 -7.40 19.84 -18.06
N ILE A 210 -6.50 18.89 -18.27
CA ILE A 210 -6.37 17.75 -17.37
C ILE A 210 -4.96 17.73 -16.77
N ILE A 211 -4.85 17.38 -15.49
CA ILE A 211 -3.54 17.31 -14.87
C ILE A 211 -2.76 16.12 -15.45
N VAL A 212 -1.49 16.36 -15.81
CA VAL A 212 -0.66 15.29 -16.36
C VAL A 212 0.57 15.01 -15.49
N GLU A 213 1.00 16.00 -14.70
CA GLU A 213 2.20 15.83 -13.89
C GLU A 213 2.09 16.66 -12.63
N SER A 214 2.67 16.14 -11.56
CA SER A 214 2.64 16.85 -10.29
C SER A 214 3.96 16.59 -9.57
N GLU A 215 4.60 17.65 -9.06
CA GLU A 215 5.92 17.51 -8.44
C GLU A 215 5.95 18.15 -7.08
N ALA A 216 6.48 17.45 -6.08
CA ALA A 216 6.55 17.98 -4.72
C ALA A 216 7.81 17.48 -4.06
N PRO A 217 8.34 18.22 -3.07
CA PRO A 217 7.87 19.52 -2.62
C PRO A 217 8.26 20.62 -3.58
N PHE A 218 7.35 21.56 -3.79
CA PHE A 218 7.69 22.75 -4.53
C PHE A 218 8.13 23.78 -3.52
N GLU A 219 9.41 24.13 -3.56
CA GLU A 219 9.97 24.96 -2.50
C GLU A 219 9.86 26.44 -2.83
N ASN A 220 9.04 27.11 -2.04
CA ASN A 220 8.89 28.55 -2.09
C ASN A 220 8.24 28.91 -0.77
N VAL A 221 9.04 29.41 0.17
CA VAL A 221 8.59 29.65 1.52
C VAL A 221 7.46 30.68 1.57
N VAL A 222 7.61 31.74 0.77
CA VAL A 222 6.59 32.79 0.73
C VAL A 222 5.25 32.25 0.25
N LEU A 223 5.25 31.50 -0.85
CA LEU A 223 4.00 30.94 -1.34
C LEU A 223 3.42 29.89 -0.39
N ALA A 224 4.28 29.07 0.21
CA ALA A 224 3.79 28.01 1.08
C ALA A 224 3.10 28.59 2.30
N GLU A 225 3.67 29.67 2.84
CA GLU A 225 3.06 30.33 3.99
C GLU A 225 1.69 30.92 3.63
N LYS A 226 1.61 31.56 2.46
CA LYS A 226 0.34 32.10 2.01
C LYS A 226 -0.71 31.02 1.77
N ALA A 227 -0.29 29.88 1.21
CA ALA A 227 -1.21 28.78 0.95
C ALA A 227 -1.73 28.19 2.25
N GLN A 228 -0.84 28.05 3.23
CA GLN A 228 -1.24 27.51 4.53
C GLN A 228 -2.24 28.41 5.22
N GLN A 229 -2.05 29.72 5.10
CA GLN A 229 -2.96 30.64 5.76
C GLN A 229 -4.35 30.59 5.12
N ILE A 230 -4.40 30.42 3.80
CA ILE A 230 -5.68 30.26 3.12
C ILE A 230 -6.36 28.94 3.55
N ALA A 231 -5.59 27.86 3.58
CA ALA A 231 -6.12 26.57 4.05
C ALA A 231 -6.69 26.67 5.46
N LYS A 232 -6.02 27.41 6.34
CA LYS A 232 -6.49 27.54 7.72
C LYS A 232 -7.86 28.20 7.77
N ILE A 233 -8.04 29.25 6.97
CA ILE A 233 -9.32 29.94 6.89
C ILE A 233 -10.44 28.98 6.44
N LEU A 234 -10.17 28.20 5.40
CA LEU A 234 -11.18 27.28 4.89
C LEU A 234 -11.51 26.18 5.89
N VAL A 235 -10.49 25.63 6.55
CA VAL A 235 -10.72 24.59 7.55
C VAL A 235 -11.59 25.12 8.68
N LYS A 236 -11.29 26.32 9.16
CA LYS A 236 -12.09 26.93 10.21
C LYS A 236 -13.52 27.23 9.75
N GLU A 237 -13.68 27.80 8.56
CA GLU A 237 -15.01 28.18 8.11
C GLU A 237 -15.92 26.98 7.77
N PHE A 238 -15.33 25.88 7.33
CA PHE A 238 -16.10 24.69 6.98
C PHE A 238 -16.25 23.73 8.15
N ALA A 239 -15.57 24.04 9.26
CA ALA A 239 -15.40 23.09 10.37
C ALA A 239 -14.95 21.75 9.79
N TYR A 240 -13.89 21.82 8.99
CA TYR A 240 -13.50 20.74 8.09
C TYR A 240 -12.78 19.61 8.79
N VAL A 241 -13.18 18.38 8.45
CA VAL A 241 -12.49 17.18 8.87
C VAL A 241 -12.18 16.33 7.63
N GLY A 242 -10.91 15.96 7.48
CA GLY A 242 -10.47 15.17 6.33
C GLY A 242 -9.41 15.87 5.52
N THR A 243 -9.06 15.27 4.39
CA THR A 243 -8.14 15.88 3.45
C THR A 243 -8.87 16.90 2.58
N LEU A 244 -8.24 18.06 2.40
CA LEU A 244 -8.75 19.17 1.61
C LEU A 244 -7.70 19.56 0.57
N ALA A 245 -8.15 19.85 -0.65
CA ALA A 245 -7.24 20.27 -1.72
C ALA A 245 -7.60 21.65 -2.25
N ILE A 246 -6.59 22.52 -2.35
CA ILE A 246 -6.80 23.85 -2.90
C ILE A 246 -5.88 24.03 -4.09
N GLU A 247 -6.44 24.33 -5.26
CA GLU A 247 -5.64 24.59 -6.45
CA GLU A 247 -5.69 24.60 -6.48
C GLU A 247 -5.48 26.09 -6.64
N PHE A 248 -4.24 26.51 -6.93
CA PHE A 248 -3.90 27.92 -7.08
C PHE A 248 -3.28 28.20 -8.44
N PHE A 249 -3.48 29.42 -8.91
CA PHE A 249 -2.65 30.02 -9.95
C PHE A 249 -1.59 30.85 -9.23
N VAL A 250 -0.35 30.82 -9.72
CA VAL A 250 0.73 31.62 -9.12
C VAL A 250 1.16 32.72 -10.05
N LYS A 251 1.17 33.96 -9.54
CA LYS A 251 1.75 35.07 -10.28
C LYS A 251 2.75 35.78 -9.39
N GLY A 252 4.04 35.51 -9.62
CA GLY A 252 5.09 36.07 -8.80
C GLY A 252 5.05 35.51 -7.40
N ASP A 253 4.78 36.37 -6.42
CA ASP A 253 4.64 35.92 -5.04
C ASP A 253 3.18 35.95 -4.58
N GLU A 254 2.27 35.98 -5.54
CA GLU A 254 0.84 36.02 -5.25
C GLU A 254 0.14 34.74 -5.62
N LEU A 255 -0.82 34.33 -4.78
CA LEU A 255 -1.64 33.16 -5.03
C LEU A 255 -3.07 33.56 -5.38
N ILE A 256 -3.60 32.97 -6.44
CA ILE A 256 -4.99 33.18 -6.83
C ILE A 256 -5.67 31.81 -6.73
N VAL A 257 -6.76 31.72 -5.99
CA VAL A 257 -7.45 30.44 -5.88
C VAL A 257 -8.17 30.13 -7.20
N ASN A 258 -7.88 28.95 -7.74
CA ASN A 258 -8.61 28.43 -8.88
C ASN A 258 -9.89 27.73 -8.40
N GLU A 259 -9.72 26.67 -7.61
CA GLU A 259 -10.88 25.98 -7.04
C GLU A 259 -10.43 25.08 -5.91
N ILE A 260 -11.39 24.56 -5.15
CA ILE A 260 -11.09 23.62 -4.08
C ILE A 260 -11.86 22.31 -4.29
N ALA A 261 -11.33 21.24 -3.69
CA ALA A 261 -11.98 19.94 -3.69
C ALA A 261 -11.96 19.41 -2.27
N PRO A 262 -13.13 19.00 -1.74
CA PRO A 262 -13.20 18.58 -0.34
C PRO A 262 -12.93 17.08 -0.24
N ARG A 263 -11.70 16.72 -0.57
CA ARG A 263 -11.32 15.32 -0.73
C ARG A 263 -9.85 15.20 -1.08
N VAL A 264 -9.35 13.98 -0.98
CA VAL A 264 -8.10 13.64 -1.65
C VAL A 264 -8.18 14.01 -3.13
N HIS A 265 -7.04 14.35 -3.71
CA HIS A 265 -7.00 14.98 -5.02
C HIS A 265 -5.85 14.43 -5.86
N ASN A 266 -6.03 14.42 -7.17
CA ASN A 266 -5.00 13.94 -8.10
C ASN A 266 -3.64 14.56 -7.82
N SER A 267 -3.59 15.83 -7.45
CA SER A 267 -2.31 16.50 -7.21
C SER A 267 -1.63 16.11 -5.89
N GLY A 268 -2.22 15.17 -5.15
CA GLY A 268 -1.60 14.62 -3.96
C GLY A 268 -1.22 13.16 -4.08
N HIS A 269 -1.39 12.58 -5.26
CA HIS A 269 -1.06 11.15 -5.41
C HIS A 269 0.43 10.88 -5.21
N TRP A 270 1.29 11.88 -5.41
CA TRP A 270 2.72 11.72 -5.16
C TRP A 270 2.97 11.30 -3.71
N SER A 271 2.07 11.67 -2.81
CA SER A 271 2.29 11.46 -1.38
C SER A 271 2.25 9.99 -0.98
N ILE A 272 1.72 9.13 -1.85
CA ILE A 272 1.74 7.69 -1.56
C ILE A 272 3.18 7.22 -1.41
N ASP A 273 4.07 7.76 -2.24
CA ASP A 273 5.46 7.32 -2.26
C ASP A 273 6.46 8.40 -1.83
N GLY A 274 5.95 9.61 -1.55
CA GLY A 274 6.84 10.71 -1.17
C GLY A 274 6.64 11.30 0.20
N ALA A 275 5.62 10.85 0.94
CA ALA A 275 5.38 11.37 2.29
C ALA A 275 5.33 10.23 3.30
N VAL A 276 5.66 10.53 4.54
CA VAL A 276 5.61 9.51 5.60
C VAL A 276 4.20 8.97 5.74
N THR A 277 3.22 9.85 5.59
CA THR A 277 1.80 9.49 5.62
C THR A 277 1.13 10.13 4.41
N SER A 278 0.54 9.31 3.55
CA SER A 278 -0.08 9.83 2.34
C SER A 278 -1.37 10.58 2.61
N GLN A 279 -1.82 11.34 1.61
CA GLN A 279 -3.07 12.08 1.75
C GLN A 279 -4.23 11.12 2.01
N PHE A 280 -4.10 9.88 1.51
CA PHE A 280 -5.15 8.87 1.67
C PHE A 280 -5.14 8.32 3.08
N GLU A 281 -3.97 7.94 3.59
CA GLU A 281 -3.91 7.46 4.98
C GLU A 281 -4.40 8.54 5.93
N ASN A 282 -4.03 9.78 5.65
CA ASN A 282 -4.41 10.87 6.55
C ASN A 282 -5.89 11.22 6.48
N HIS A 283 -6.50 11.08 5.30
CA HIS A 283 -7.95 11.30 5.22
C HIS A 283 -8.65 10.27 6.11
N VAL A 284 -8.20 9.03 6.02
CA VAL A 284 -8.77 7.95 6.81
C VAL A 284 -8.57 8.21 8.30
N ARG A 285 -7.35 8.62 8.70
CA ARG A 285 -7.10 8.89 10.10
C ARG A 285 -7.98 10.03 10.62
N ALA A 286 -8.12 11.07 9.80
CA ALA A 286 -8.97 12.20 10.18
C ALA A 286 -10.40 11.76 10.46
N ILE A 287 -11.03 11.10 9.49
CA ILE A 287 -12.44 10.74 9.65
C ILE A 287 -12.66 9.66 10.71
N ALA A 288 -11.62 8.89 11.01
CA ALA A 288 -11.70 7.84 12.02
C ALA A 288 -11.47 8.38 13.43
N GLY A 289 -11.20 9.68 13.55
CA GLY A 289 -10.98 10.27 14.86
C GLY A 289 -9.60 10.01 15.44
N LEU A 290 -8.67 9.64 14.58
CA LEU A 290 -7.30 9.34 15.00
C LEU A 290 -6.41 10.56 14.86
N ILE A 291 -5.29 10.55 15.57
CA ILE A 291 -4.24 11.53 15.37
C ILE A 291 -3.66 11.38 13.97
N LEU A 292 -3.34 12.50 13.33
CA LEU A 292 -2.85 12.47 11.97
C LEU A 292 -1.39 12.02 11.93
N GLY A 293 -1.01 11.39 10.82
CA GLY A 293 0.36 10.93 10.65
C GLY A 293 1.28 12.04 10.19
N ASP A 294 2.55 11.89 10.51
CA ASP A 294 3.61 12.79 10.07
C ASP A 294 3.64 12.89 8.55
N THR A 295 3.90 14.10 8.03
CA THR A 295 3.85 14.33 6.59
C THR A 295 5.20 14.74 6.00
N THR A 296 6.28 14.39 6.67
CA THR A 296 7.62 14.68 6.16
C THR A 296 7.75 14.10 4.76
N SER A 297 8.27 14.91 3.84
CA SER A 297 8.20 14.57 2.42
C SER A 297 9.55 14.60 1.76
N ARG A 298 9.63 13.92 0.62
CA ARG A 298 10.85 13.87 -0.17
C ARG A 298 10.49 14.08 -1.64
N LYS A 299 11.44 14.60 -2.40
CA LYS A 299 11.18 14.97 -3.79
C LYS A 299 10.63 13.81 -4.61
N THR A 300 9.46 14.01 -5.23
CA THR A 300 8.75 12.96 -5.93
C THR A 300 8.01 13.59 -7.10
N VAL A 301 7.96 12.88 -8.22
CA VAL A 301 7.12 13.32 -9.34
CA VAL A 301 7.13 13.31 -9.35
C VAL A 301 6.03 12.27 -9.58
N LEU A 303 3.18 11.13 -12.44
CA LEU A 303 2.79 11.23 -13.84
C LEU A 303 1.48 10.49 -14.02
N ASN A 304 0.47 11.18 -14.55
CA ASN A 304 -0.81 10.56 -14.84
C ASN A 304 -0.79 9.69 -16.10
N CYS A 305 -1.56 8.61 -16.06
CA CYS A 305 -1.83 7.79 -17.23
C CYS A 305 -3.27 7.97 -17.66
N ILE A 306 -3.44 8.69 -18.77
CA ILE A 306 -4.74 9.07 -19.27
C ILE A 306 -4.99 8.38 -20.61
N GLY A 307 -6.11 7.66 -20.76
N GLY A 307 -6.16 7.75 -20.71
CA GLY A 307 -6.48 7.09 -22.05
CA GLY A 307 -6.56 6.99 -21.88
C GLY A 307 -5.85 5.75 -22.36
C GLY A 307 -6.05 5.58 -21.75
N GLY A 308 -4.73 5.48 -21.71
CA GLY A 308 -4.07 4.19 -21.73
C GLY A 308 -2.93 4.25 -20.73
N PRO A 310 1.26 2.46 -20.08
CA PRO A 310 2.26 1.56 -20.67
C PRO A 310 2.14 0.15 -20.11
N ALA A 311 2.63 -0.84 -20.85
CA ALA A 311 2.60 -2.23 -20.38
C ALA A 311 3.32 -2.35 -19.04
N THR A 312 2.75 -3.14 -18.13
CA THR A 312 3.36 -3.33 -16.84
C THR A 312 4.81 -3.80 -16.95
N LYS A 313 5.10 -4.69 -17.90
CA LYS A 313 6.48 -5.16 -18.07
C LYS A 313 7.43 -4.02 -18.38
N ASP A 314 6.97 -3.06 -19.17
CA ASP A 314 7.84 -1.94 -19.54
C ASP A 314 8.05 -0.98 -18.38
N LEU A 315 7.01 -0.83 -17.56
CA LEU A 315 7.10 0.00 -16.37
C LEU A 315 8.02 -0.64 -15.34
N ALA A 316 7.87 -1.95 -15.14
CA ALA A 316 8.63 -2.66 -14.10
C ALA A 316 10.13 -2.66 -14.43
N ALA A 317 10.46 -2.57 -15.72
CA ALA A 317 11.85 -2.54 -16.15
C ALA A 317 12.59 -1.30 -15.68
N LEU A 318 11.84 -0.25 -15.35
CA LEU A 318 12.39 0.98 -14.78
C LEU A 318 12.19 0.82 -13.29
N ASP A 319 13.19 0.24 -12.64
CA ASP A 319 12.92 -0.46 -11.37
C ASP A 319 12.69 0.40 -10.12
N ARG A 320 12.80 1.72 -10.26
CA ARG A 320 12.51 2.63 -9.15
C ARG A 320 11.14 3.28 -9.30
N VAL A 321 10.52 3.10 -10.45
CA VAL A 321 9.19 3.65 -10.68
C VAL A 321 8.17 2.90 -9.85
N LYS A 322 7.32 3.64 -9.14
CA LYS A 322 6.26 3.02 -8.34
C LYS A 322 4.97 3.06 -9.15
N ILE A 323 4.43 1.88 -9.41
CA ILE A 323 3.32 1.70 -10.33
C ILE A 323 2.01 1.76 -9.56
N HIS A 324 1.08 2.58 -10.06
CA HIS A 324 -0.26 2.66 -9.49
C HIS A 324 -1.33 2.56 -10.55
N SER A 325 -1.52 1.34 -11.03
CA SER A 325 -2.58 1.05 -11.98
C SER A 325 -3.87 0.93 -11.19
N TYR A 326 -4.94 1.53 -11.69
CA TYR A 326 -6.24 1.45 -11.02
C TYR A 326 -7.03 0.25 -11.48
N ASN A 327 -6.44 -0.52 -12.40
CA ASN A 327 -7.08 -1.70 -13.00
C ASN A 327 -8.40 -1.32 -13.69
N LYS A 328 -8.33 -0.26 -14.50
CA LYS A 328 -9.50 0.28 -15.20
C LYS A 328 -9.31 0.08 -16.71
N GLU A 329 -10.41 -0.18 -17.43
CA GLU A 329 -10.33 -0.37 -18.87
C GLU A 329 -9.98 0.93 -19.60
N PRO A 330 -9.01 0.88 -20.51
CA PRO A 330 -8.60 2.05 -21.31
C PRO A 330 -9.75 2.65 -22.12
N ARG A 331 -9.83 3.97 -22.12
CA ARG A 331 -10.84 4.73 -22.85
C ARG A 331 -10.31 6.15 -22.95
N LYS A 332 -10.58 6.82 -24.06
CA LYS A 332 -10.06 8.16 -24.29
C LYS A 332 -10.36 9.11 -23.14
N GLY A 333 -9.32 9.78 -22.64
CA GLY A 333 -9.45 10.74 -21.56
C GLY A 333 -9.62 10.18 -20.15
N ARG A 334 -9.69 8.86 -20.03
CA ARG A 334 -9.94 8.22 -18.74
C ARG A 334 -8.67 8.10 -17.90
N LYS A 335 -8.74 8.46 -16.62
CA LYS A 335 -7.58 8.28 -15.75
C LYS A 335 -7.51 6.83 -15.34
N VAL A 336 -6.51 6.11 -15.82
CA VAL A 336 -6.45 4.66 -15.57
C VAL A 336 -5.32 4.26 -14.63
N GLY A 337 -4.47 5.22 -14.28
CA GLY A 337 -3.42 4.96 -13.31
C GLY A 337 -2.51 6.15 -13.19
N HIS A 338 -1.51 6.01 -12.33
CA HIS A 338 -0.43 6.99 -12.29
C HIS A 338 0.85 6.28 -11.90
N LEU A 339 1.96 6.99 -12.06
CA LEU A 339 3.29 6.49 -11.71
C LEU A 339 3.94 7.51 -10.78
N ASN A 340 4.57 7.04 -9.71
CA ASN A 340 5.35 7.93 -8.85
C ASN A 340 6.83 7.57 -8.92
N LEU A 341 7.70 8.57 -8.79
CA LEU A 341 9.13 8.31 -8.76
C LEU A 341 9.79 9.29 -7.82
N ASN A 342 10.52 8.79 -6.82
CA ASN A 342 11.35 9.67 -6.00
C ASN A 342 12.54 10.14 -6.84
N LEU A 343 12.91 11.41 -6.68
CA LEU A 343 14.03 11.98 -7.43
C LEU A 343 15.15 12.39 -6.48
N ASN A 344 16.22 11.59 -6.46
CA ASN A 344 17.37 11.88 -5.61
C ASN A 344 18.68 11.99 -6.39
N ASP A 345 18.80 11.23 -7.46
CA ASP A 345 20.06 11.13 -8.19
C ASP A 345 19.87 11.01 -9.71
N GLU A 346 20.98 10.88 -10.43
CA GLU A 346 20.96 10.83 -11.90
C GLU A 346 20.24 9.61 -12.45
N THR A 347 20.31 8.49 -11.73
CA THR A 347 19.59 7.30 -12.16
C THR A 347 18.08 7.55 -12.11
N ASP A 348 17.62 8.26 -11.09
CA ASP A 348 16.21 8.62 -11.04
C ASP A 348 15.84 9.51 -12.21
N GLU A 349 16.69 10.48 -12.53
CA GLU A 349 16.43 11.37 -13.66
C GLU A 349 16.36 10.61 -14.98
N TYR A 350 17.23 9.60 -15.14
CA TYR A 350 17.18 8.73 -16.32
C TYR A 350 15.87 7.95 -16.38
N GLN A 351 15.48 7.32 -15.28
CA GLN A 351 14.24 6.56 -15.29
C GLN A 351 13.05 7.46 -15.55
N LEU A 352 13.10 8.69 -15.08
CA LEU A 352 12.02 9.65 -15.32
C LEU A 352 11.88 9.93 -16.81
N LEU A 353 13.00 10.20 -17.47
CA LEU A 353 12.95 10.46 -18.91
C LEU A 353 12.41 9.25 -19.66
N GLN A 354 12.81 8.05 -19.25
CA GLN A 354 12.37 6.84 -19.96
C GLN A 354 10.89 6.60 -19.73
N VAL A 355 10.41 6.83 -18.51
CA VAL A 355 9.01 6.55 -18.26
C VAL A 355 8.11 7.59 -18.98
N LYS A 356 8.59 8.83 -19.10
CA LYS A 356 7.84 9.83 -19.85
C LYS A 356 7.69 9.42 -21.33
N LYS A 357 8.72 8.79 -21.88
CA LYS A 357 8.63 8.32 -23.26
C LYS A 357 7.57 7.24 -23.41
N LEU A 358 7.49 6.34 -22.43
CA LEU A 358 6.48 5.28 -22.46
C LEU A 358 5.09 5.88 -22.38
N ILE A 359 4.91 6.86 -21.49
CA ILE A 359 3.62 7.51 -21.33
C ILE A 359 3.19 8.25 -22.59
N ALA A 360 4.14 8.85 -23.29
CA ALA A 360 3.80 9.55 -24.53
C ALA A 360 3.24 8.59 -25.58
N LEU A 361 3.64 7.33 -25.51
CA LEU A 361 3.14 6.33 -26.43
C LEU A 361 1.75 5.80 -26.06
N SER A 362 1.46 5.79 -24.77
CA SER A 362 0.21 5.21 -24.26
C SER A 362 -0.92 6.23 -24.09
N GLU A 363 -0.55 7.50 -23.98
CA GLU A 363 -1.52 8.53 -23.66
C GLU A 363 -2.56 8.79 -24.76
N GLU A 364 -3.82 8.92 -24.35
CA GLU A 364 -4.86 9.43 -25.22
C GLU A 364 -5.78 10.37 -24.43
N ILE A 365 -5.54 11.66 -24.57
CA ILE A 365 -6.31 12.67 -23.86
C ILE A 365 -7.55 13.05 -24.66
N ALA A 366 -8.65 13.31 -23.97
CA ALA A 366 -9.88 13.73 -24.62
C ALA A 366 -10.04 15.24 -24.52
N GLY A 367 -9.10 15.98 -25.10
CA GLY A 367 -9.09 17.44 -25.00
C GLY A 367 -10.23 18.15 -25.71
N GLU A 368 -10.73 19.21 -25.08
CA GLU A 368 -11.81 20.00 -25.64
C GLU A 368 -11.46 21.48 -25.80
N ASN A 369 -10.44 21.93 -25.08
CA ASN A 369 -10.03 23.34 -25.15
C ASN A 369 -8.52 23.50 -24.98
N LEU A 370 -8.01 24.64 -25.43
CA LEU A 370 -6.61 25.00 -25.21
C LEU A 370 -6.54 26.24 -24.32
N TYR A 371 -5.66 26.21 -23.34
CA TYR A 371 -5.61 27.26 -22.32
C TYR A 371 -4.33 28.09 -22.36
N PHE A 372 -3.63 28.08 -23.48
CA PHE A 372 -2.38 28.82 -23.61
C PHE A 372 -2.56 30.29 -23.27
N GLN A 373 -1.55 30.86 -22.62
CA GLN A 373 -1.50 32.29 -22.36
C GLN A 373 -0.09 32.83 -22.54
N LYS B 2 -4.15 -12.63 -13.47
CA LYS B 2 -4.74 -13.13 -12.22
C LYS B 2 -3.76 -14.01 -11.49
N ILE B 3 -3.56 -13.71 -10.21
CA ILE B 3 -2.67 -14.48 -9.36
C ILE B 3 -3.47 -15.20 -8.29
N GLY B 4 -3.27 -16.51 -8.18
CA GLY B 4 -3.89 -17.27 -7.10
C GLY B 4 -2.90 -17.50 -5.99
N ILE B 5 -3.39 -17.42 -4.75
CA ILE B 5 -2.55 -17.67 -3.58
C ILE B 5 -3.18 -18.76 -2.75
N ILE B 6 -2.41 -19.82 -2.47
CA ILE B 6 -2.88 -20.84 -1.54
C ILE B 6 -2.64 -20.32 -0.13
N GLY B 7 -3.75 -20.06 0.56
CA GLY B 7 -3.73 -19.42 1.86
C GLY B 7 -4.37 -18.04 1.79
N ALA B 8 -5.10 -17.67 2.85
CA ALA B 8 -5.73 -16.36 2.91
C ALA B 8 -5.39 -15.64 4.22
N GLY B 9 -4.19 -15.91 4.73
CA GLY B 9 -3.71 -15.29 5.96
C GLY B 9 -3.00 -13.98 5.71
N GLN B 10 -2.25 -13.51 6.70
CA GLN B 10 -1.69 -12.17 6.61
C GLN B 10 -0.62 -12.02 5.55
N LEU B 11 0.10 -13.10 5.22
CA LEU B 11 1.08 -12.99 4.13
C LEU B 11 0.36 -12.79 2.81
N ALA B 12 -0.71 -13.54 2.57
CA ALA B 12 -1.53 -13.34 1.37
C ALA B 12 -2.13 -11.94 1.34
N ARG B 13 -2.58 -11.47 2.49
CA ARG B 13 -3.14 -10.12 2.62
C ARG B 13 -2.14 -9.08 2.17
N LEU B 15 0.65 -9.61 0.37
CA LEU B 15 0.97 -9.79 -1.05
C LEU B 15 -0.02 -9.03 -1.92
N SER B 16 -1.31 -9.14 -1.60
CA SER B 16 -2.32 -8.42 -2.37
C SER B 16 -2.22 -6.92 -2.17
N LEU B 17 -1.97 -6.45 -0.95
CA LEU B 17 -1.82 -5.00 -0.75
C LEU B 17 -0.68 -4.44 -1.59
N ALA B 18 0.40 -5.21 -1.71
CA ALA B 18 1.56 -4.76 -2.47
C ALA B 18 1.39 -4.92 -3.96
N GLY B 19 0.67 -5.95 -4.38
CA GLY B 19 0.56 -6.26 -5.80
C GLY B 19 -0.62 -5.64 -6.52
N THR B 20 -1.65 -5.30 -5.78
CA THR B 20 -2.83 -4.70 -6.38
C THR B 20 -2.52 -3.38 -7.13
N PRO B 21 -1.65 -2.50 -6.57
CA PRO B 21 -1.28 -1.30 -7.34
C PRO B 21 -0.56 -1.59 -8.66
N LEU B 22 -0.01 -2.79 -8.83
CA LEU B 22 0.60 -3.14 -10.10
C LEU B 22 -0.46 -3.49 -11.14
N GLY B 23 -1.72 -3.51 -10.71
CA GLY B 23 -2.83 -3.77 -11.62
C GLY B 23 -3.16 -5.26 -11.75
N LEU B 24 -2.65 -6.05 -10.82
CA LEU B 24 -2.88 -7.49 -10.81
C LEU B 24 -4.09 -7.82 -9.95
N GLU B 25 -4.76 -8.91 -10.29
CA GLU B 25 -5.96 -9.36 -9.60
C GLU B 25 -5.64 -10.60 -8.79
N PHE B 26 -6.07 -10.61 -7.52
CA PHE B 26 -5.70 -11.66 -6.58
C PHE B 26 -6.86 -12.52 -6.12
N HIS B 27 -6.61 -13.82 -6.01
CA HIS B 27 -7.61 -14.79 -5.58
C HIS B 27 -6.96 -15.74 -4.61
N CYS B 28 -7.65 -16.05 -3.52
CA CYS B 28 -7.09 -16.92 -2.49
C CYS B 28 -7.85 -18.20 -2.34
N LEU B 29 -7.12 -19.27 -1.99
N LEU B 29 -7.12 -19.25 -1.98
CA LEU B 29 -7.74 -20.50 -1.55
CA LEU B 29 -7.72 -20.50 -1.55
C LEU B 29 -7.62 -20.49 -0.04
C LEU B 29 -7.62 -20.52 -0.03
N GLY B 30 -8.76 -20.44 0.64
CA GLY B 30 -8.74 -20.39 2.10
C GLY B 30 -10.13 -20.18 2.64
N LYS B 31 -10.18 -19.84 3.92
CA LYS B 31 -11.46 -19.72 4.60
C LYS B 31 -12.01 -18.32 4.47
N ASN B 32 -13.31 -18.23 4.23
CA ASN B 32 -13.97 -16.94 4.20
C ASN B 32 -13.87 -16.35 5.60
N GLY B 33 -13.53 -15.07 5.68
CA GLY B 33 -13.32 -14.47 6.99
C GLY B 33 -11.88 -14.55 7.47
N ASP B 34 -11.02 -15.22 6.69
CA ASP B 34 -9.58 -15.10 6.91
C ASP B 34 -9.18 -13.68 6.52
N CYS B 35 -8.03 -13.22 6.98
CA CYS B 35 -7.76 -11.79 6.93
C CYS B 35 -7.42 -11.21 5.56
N ALA B 36 -7.13 -12.06 4.58
CA ALA B 36 -6.87 -11.54 3.23
C ALA B 36 -8.16 -11.24 2.47
N GLU B 37 -9.29 -11.77 2.94
N GLU B 37 -9.29 -11.76 2.95
CA GLU B 37 -10.54 -11.70 2.17
CA GLU B 37 -10.52 -11.71 2.19
C GLU B 37 -10.90 -10.30 1.72
C GLU B 37 -10.92 -10.31 1.74
N GLU B 38 -10.79 -9.33 2.63
CA GLU B 38 -11.25 -7.97 2.32
C GLU B 38 -10.37 -7.24 1.31
N VAL B 39 -9.21 -7.80 0.99
CA VAL B 39 -8.29 -7.16 0.04
C VAL B 39 -8.01 -7.98 -1.22
N VAL B 40 -8.74 -9.08 -1.40
CA VAL B 40 -8.63 -9.85 -2.64
C VAL B 40 -9.95 -9.98 -3.38
N LYS B 41 -9.89 -10.34 -4.66
CA LYS B 41 -11.09 -10.43 -5.48
C LYS B 41 -12.03 -11.53 -4.98
N THR B 42 -11.49 -12.74 -4.80
CA THR B 42 -12.28 -13.86 -4.27
C THR B 42 -11.49 -14.72 -3.31
N VAL B 43 -12.22 -15.37 -2.42
CA VAL B 43 -11.66 -16.42 -1.57
C VAL B 43 -12.52 -17.67 -1.72
N THR B 44 -11.87 -18.79 -2.03
CA THR B 44 -12.58 -20.05 -2.23
C THR B 44 -12.07 -21.10 -1.22
N ASP B 45 -12.99 -21.73 -0.50
CA ASP B 45 -12.62 -22.69 0.53
C ASP B 45 -12.69 -24.11 -0.01
N ILE B 46 -11.55 -24.64 -0.42
CA ILE B 46 -11.45 -26.01 -0.89
C ILE B 46 -10.48 -26.77 0.00
N GLU B 47 -10.87 -27.94 0.47
CA GLU B 47 -9.97 -28.78 1.26
C GLU B 47 -8.77 -29.21 0.41
N LEU B 48 -7.56 -29.01 0.94
CA LEU B 48 -6.34 -29.22 0.16
C LEU B 48 -6.10 -30.68 -0.23
N THR B 49 -6.75 -31.60 0.46
CA THR B 49 -6.66 -33.01 0.09
C THR B 49 -7.46 -33.35 -1.16
N LYS B 50 -8.34 -32.44 -1.57
CA LYS B 50 -9.11 -32.65 -2.79
C LYS B 50 -8.31 -32.11 -3.96
N VAL B 51 -7.31 -32.89 -4.40
CA VAL B 51 -6.32 -32.42 -5.36
C VAL B 51 -6.93 -31.91 -6.66
N ASN B 52 -7.82 -32.71 -7.26
CA ASN B 52 -8.43 -32.30 -8.52
C ASN B 52 -9.21 -30.99 -8.41
N ASP B 53 -9.91 -30.80 -7.30
CA ASP B 53 -10.66 -29.56 -7.08
C ASP B 53 -9.70 -28.38 -6.94
N VAL B 54 -8.60 -28.59 -6.24
CA VAL B 54 -7.60 -27.54 -6.07
C VAL B 54 -6.97 -27.17 -7.42
N VAL B 55 -6.61 -28.19 -8.22
CA VAL B 55 -6.03 -27.94 -9.53
C VAL B 55 -7.01 -27.17 -10.43
N ALA B 56 -8.27 -27.58 -10.41
CA ALA B 56 -9.31 -26.88 -11.17
C ALA B 56 -9.46 -25.42 -10.76
N TRP B 57 -9.42 -25.16 -9.46
CA TRP B 57 -9.42 -23.78 -8.97
C TRP B 57 -8.22 -23.00 -9.52
N ALA B 58 -7.05 -23.60 -9.45
CA ALA B 58 -5.82 -22.91 -9.80
C ALA B 58 -5.75 -22.57 -11.29
N LYS B 59 -6.33 -23.46 -12.10
N LYS B 59 -6.32 -23.46 -12.11
CA LYS B 59 -6.29 -23.30 -13.56
CA LYS B 59 -6.27 -23.31 -13.57
C LYS B 59 -7.05 -22.07 -14.05
C LYS B 59 -7.07 -22.09 -14.06
N GLN B 60 -7.85 -21.48 -13.17
CA GLN B 60 -8.56 -20.25 -13.51
C GLN B 60 -7.63 -19.06 -13.66
N PHE B 61 -6.41 -19.19 -13.16
CA PHE B 61 -5.53 -18.04 -13.01
C PHE B 61 -4.24 -18.19 -13.82
N ASP B 62 -3.38 -17.18 -13.77
CA ASP B 62 -2.21 -17.17 -14.63
C ASP B 62 -0.96 -17.68 -13.96
N VAL B 63 -0.93 -17.62 -12.64
CA VAL B 63 0.20 -18.08 -11.86
C VAL B 63 -0.26 -18.22 -10.43
N ILE B 64 0.35 -19.16 -9.71
CA ILE B 64 -0.05 -19.49 -8.35
C ILE B 64 1.15 -19.37 -7.42
N THR B 65 0.91 -18.93 -6.19
CA THR B 65 1.93 -19.03 -5.15
C THR B 65 1.26 -19.49 -3.85
N PHE B 66 2.01 -19.51 -2.74
CA PHE B 66 1.47 -20.06 -1.50
C PHE B 66 2.10 -19.35 -0.33
N GLU B 67 1.40 -19.33 0.80
CA GLU B 67 1.97 -18.64 1.95
C GLU B 67 2.57 -19.55 3.01
N ASN B 68 2.32 -20.86 2.94
CA ASN B 68 2.80 -21.77 3.97
C ASN B 68 3.44 -23.00 3.36
N GLU B 69 4.73 -23.19 3.63
CA GLU B 69 5.46 -24.30 3.01
C GLU B 69 5.14 -25.67 3.61
N ASN B 70 4.23 -25.73 4.57
CA ASN B 70 3.86 -27.02 5.14
C ASN B 70 2.85 -27.80 4.28
N ILE B 71 2.39 -27.18 3.20
CA ILE B 71 1.46 -27.86 2.30
C ILE B 71 2.14 -28.96 1.52
N SER B 72 1.32 -29.83 0.92
CA SER B 72 1.83 -30.98 0.17
C SER B 72 2.59 -30.57 -1.08
N HIS B 73 3.86 -31.00 -1.19
CA HIS B 73 4.60 -30.70 -2.42
C HIS B 73 4.07 -31.50 -3.61
N GLU B 74 3.47 -32.66 -3.35
CA GLU B 74 2.83 -33.42 -4.42
C GLU B 74 1.63 -32.67 -4.98
N LEU B 75 0.89 -31.97 -4.11
CA LEU B 75 -0.20 -31.12 -4.56
C LEU B 75 0.34 -30.02 -5.46
N ILE B 76 1.41 -29.35 -5.02
CA ILE B 76 2.01 -28.29 -5.84
C ILE B 76 2.48 -28.82 -7.19
N LYS B 77 3.08 -30.00 -7.20
CA LYS B 77 3.52 -30.60 -8.46
C LYS B 77 2.34 -30.81 -9.40
N ALA B 78 1.21 -31.28 -8.86
CA ALA B 78 0.03 -31.50 -9.69
C ALA B 78 -0.50 -30.19 -10.26
N ILE B 79 -0.57 -29.15 -9.45
CA ILE B 79 -1.01 -27.85 -9.94
C ILE B 79 -0.05 -27.34 -11.03
N ASN B 80 1.25 -27.45 -10.76
CA ASN B 80 2.28 -26.84 -11.59
C ASN B 80 2.34 -27.44 -12.99
N HIS B 81 1.78 -28.62 -13.17
CA HIS B 81 1.70 -29.17 -14.52
C HIS B 81 0.72 -28.38 -15.39
N GLU B 82 -0.28 -27.78 -14.75
CA GLU B 82 -1.38 -27.14 -15.48
C GLU B 82 -1.33 -25.62 -15.45
N VAL B 83 -0.73 -25.06 -14.41
CA VAL B 83 -0.53 -23.62 -14.32
C VAL B 83 0.67 -23.40 -13.42
N SER B 84 1.50 -22.43 -13.75
CA SER B 84 2.75 -22.23 -13.02
C SER B 84 2.53 -21.97 -11.55
N VAL B 85 3.31 -22.66 -10.71
CA VAL B 85 3.41 -22.33 -9.29
C VAL B 85 4.84 -21.94 -8.99
N TYR B 86 5.02 -20.88 -8.23
CA TYR B 86 6.34 -20.48 -7.75
C TYR B 86 6.23 -20.12 -6.29
N PRO B 87 7.23 -20.51 -5.48
CA PRO B 87 8.41 -21.29 -5.86
C PRO B 87 8.12 -22.78 -6.03
N SER B 88 9.19 -23.56 -6.12
CA SER B 88 9.09 -24.93 -6.62
C SER B 88 8.64 -25.97 -5.59
N ALA B 89 8.15 -27.09 -6.09
CA ALA B 89 7.84 -28.23 -5.24
C ALA B 89 9.08 -28.71 -4.51
N LYS B 90 10.23 -28.62 -5.16
CA LYS B 90 11.49 -29.02 -4.53
C LYS B 90 11.82 -28.12 -3.34
N ALA B 91 11.65 -26.81 -3.51
CA ALA B 91 11.90 -25.87 -2.42
C ALA B 91 11.00 -26.18 -1.23
N ILE B 92 9.74 -26.51 -1.53
CA ILE B 92 8.78 -26.88 -0.48
C ILE B 92 9.21 -28.16 0.24
N ALA B 93 9.49 -29.20 -0.54
CA ALA B 93 9.85 -30.50 0.01
C ALA B 93 11.04 -30.41 0.94
N ILE B 94 12.05 -29.66 0.52
CA ILE B 94 13.28 -29.53 1.30
C ILE B 94 13.10 -28.64 2.52
N SER B 95 12.46 -27.48 2.35
CA SER B 95 12.33 -26.52 3.44
C SER B 95 11.36 -26.96 4.54
N GLN B 96 10.39 -27.81 4.23
CA GLN B 96 9.35 -28.16 5.19
C GLN B 96 9.74 -29.27 6.16
N ASP B 97 10.87 -29.92 5.91
CA ASP B 97 11.32 -31.05 6.72
C ASP B 97 12.73 -30.74 7.23
N ARG B 98 12.87 -30.61 8.54
CA ARG B 98 14.16 -30.20 9.12
C ARG B 98 15.33 -31.08 8.69
N LEU B 99 15.10 -32.39 8.58
CA LEU B 99 16.16 -33.31 8.19
C LEU B 99 16.54 -33.10 6.72
N LEU B 100 15.53 -32.95 5.87
CA LEU B 100 15.81 -32.74 4.45
C LEU B 100 16.49 -31.40 4.22
N GLU B 101 16.07 -30.40 5.00
CA GLU B 101 16.63 -29.06 4.90
C GLU B 101 18.11 -29.09 5.29
N LYS B 102 18.40 -29.64 6.47
CA LYS B 102 19.78 -29.74 6.95
C LYS B 102 20.63 -30.59 6.02
N SER B 103 20.07 -31.69 5.51
CA SER B 103 20.84 -32.55 4.62
C SER B 103 21.18 -31.82 3.33
N PHE B 104 20.23 -31.02 2.84
CA PHE B 104 20.46 -30.21 1.65
C PHE B 104 21.62 -29.22 1.87
N GLN B 106 24.04 -29.46 4.02
CA GLN B 106 25.24 -30.27 4.16
C GLN B 106 25.77 -30.69 2.78
N ASP B 107 24.86 -31.10 1.90
CA ASP B 107 25.25 -31.55 0.56
C ASP B 107 25.90 -30.45 -0.26
N HIS B 108 25.57 -29.19 0.07
CA HIS B 108 26.07 -28.06 -0.69
C HIS B 108 27.11 -27.23 0.07
N GLY B 109 27.67 -27.81 1.12
CA GLY B 109 28.76 -27.21 1.86
C GLY B 109 28.36 -26.00 2.68
N ILE B 110 27.08 -25.94 3.04
CA ILE B 110 26.55 -24.83 3.81
C ILE B 110 26.47 -25.22 5.28
N ALA B 111 27.12 -24.43 6.14
CA ALA B 111 27.20 -24.75 7.56
C ALA B 111 25.84 -24.70 8.25
N THR B 112 25.58 -25.70 9.09
CA THR B 112 24.42 -25.70 9.98
C THR B 112 24.85 -26.30 11.32
N ALA B 113 23.93 -26.34 12.28
CA ALA B 113 24.14 -27.14 13.48
C ALA B 113 24.37 -28.58 13.08
N LYS B 114 25.12 -29.30 13.91
CA LYS B 114 25.22 -30.74 13.72
C LYS B 114 23.85 -31.34 13.98
N PHE B 115 23.51 -32.37 13.21
CA PHE B 115 22.17 -32.91 13.24
C PHE B 115 22.16 -34.40 12.99
N VAL B 116 21.16 -35.09 13.56
CA VAL B 116 21.00 -36.52 13.38
C VAL B 116 19.52 -36.83 13.32
N ASN B 117 19.11 -37.68 12.37
CA ASN B 117 17.75 -38.20 12.37
C ASN B 117 17.55 -39.10 13.58
N ILE B 118 16.50 -38.85 14.35
CA ILE B 118 16.23 -39.61 15.57
C ILE B 118 14.97 -40.45 15.42
N ASP B 119 15.12 -41.78 15.42
CA ASP B 119 13.98 -42.68 15.32
C ASP B 119 13.85 -43.64 16.50
N SER B 120 14.69 -43.46 17.52
CA SER B 120 14.63 -44.27 18.74
C SER B 120 15.38 -43.58 19.85
N LEU B 121 15.13 -44.02 21.08
CA LEU B 121 15.86 -43.50 22.23
C LEU B 121 17.34 -43.83 22.10
N ALA B 122 17.65 -45.05 21.66
CA ALA B 122 19.05 -45.45 21.48
C ALA B 122 19.76 -44.54 20.48
N LYS B 123 19.07 -44.18 19.41
CA LYS B 123 19.64 -43.28 18.40
C LYS B 123 19.91 -41.91 19.01
N LEU B 124 18.99 -41.45 19.85
CA LEU B 124 19.16 -40.15 20.53
C LEU B 124 20.32 -40.20 21.50
N GLN B 125 20.48 -41.30 22.22
CA GLN B 125 21.59 -41.40 23.16
C GLN B 125 22.90 -41.35 22.38
N SER B 126 22.94 -42.06 21.25
CA SER B 126 24.11 -42.05 20.38
C SER B 126 24.43 -40.66 19.84
N ALA B 127 23.39 -39.92 19.46
CA ALA B 127 23.56 -38.56 18.97
C ALA B 127 24.14 -37.65 20.05
N VAL B 128 23.64 -37.79 21.28
CA VAL B 128 24.17 -37.01 22.40
C VAL B 128 25.58 -37.47 22.71
N ASP B 129 25.83 -38.77 22.61
CA ASP B 129 27.17 -39.32 22.81
C ASP B 129 28.14 -38.78 21.77
N ASP B 130 27.70 -38.74 20.52
CA ASP B 130 28.54 -38.30 19.40
C ASP B 130 28.75 -36.80 19.35
N HIS B 131 27.72 -36.03 19.71
CA HIS B 131 27.72 -34.60 19.43
C HIS B 131 27.54 -33.70 20.66
N GLY B 132 27.13 -34.28 21.78
CA GLY B 132 27.17 -33.57 23.05
C GLY B 132 25.93 -32.84 23.52
N LEU B 133 26.06 -32.28 24.73
CA LEU B 133 25.06 -31.42 25.34
C LEU B 133 25.65 -30.01 25.49
N PRO B 134 24.78 -28.99 25.52
CA PRO B 134 23.33 -29.08 25.33
C PRO B 134 22.95 -29.37 23.88
N ALA B 135 21.67 -29.65 23.66
CA ALA B 135 21.19 -30.02 22.34
C ALA B 135 19.69 -29.79 22.29
N ILE B 136 19.12 -29.91 21.10
CA ILE B 136 17.69 -29.75 20.96
C ILE B 136 17.10 -30.89 20.16
N LEU B 137 16.06 -31.51 20.70
CA LEU B 137 15.27 -32.48 19.94
C LEU B 137 14.09 -31.73 19.33
N LYS B 138 13.91 -31.85 18.01
CA LYS B 138 12.87 -31.10 17.30
C LYS B 138 12.05 -32.00 16.40
N THR B 139 10.76 -31.71 16.27
CA THR B 139 9.94 -32.36 15.25
C THR B 139 10.46 -31.97 13.86
N ARG B 140 10.52 -32.95 12.96
CA ARG B 140 10.99 -32.68 11.60
C ARG B 140 10.02 -31.82 10.81
N ARG B 141 8.73 -31.97 11.10
CA ARG B 141 7.68 -31.26 10.35
C ARG B 141 6.69 -30.54 11.26
N PHE B 142 6.17 -29.43 10.75
CA PHE B 142 5.06 -28.67 11.36
C PHE B 142 5.40 -27.83 12.60
N GLY B 143 6.67 -27.79 12.97
CA GLY B 143 7.09 -26.91 14.05
C GLY B 143 7.10 -25.46 13.60
N TYR B 144 6.70 -24.57 14.50
CA TYR B 144 6.79 -23.13 14.26
C TYR B 144 6.79 -22.44 15.62
N ASP B 145 7.36 -21.24 15.68
CA ASP B 145 7.44 -20.48 16.93
C ASP B 145 8.11 -21.27 18.05
N GLY B 146 9.08 -22.10 17.69
CA GLY B 146 9.83 -22.88 18.66
C GLY B 146 9.07 -24.06 19.22
N LYS B 147 7.89 -24.34 18.68
CA LYS B 147 7.06 -25.44 19.16
C LYS B 147 7.63 -26.78 18.71
N GLY B 148 7.31 -27.85 19.44
CA GLY B 148 7.74 -29.18 19.08
C GLY B 148 9.23 -29.35 19.30
N GLN B 149 9.76 -28.63 20.28
CA GLN B 149 11.18 -28.72 20.60
C GLN B 149 11.36 -28.97 22.08
N PHE B 150 12.43 -29.69 22.41
CA PHE B 150 12.80 -29.93 23.79
C PHE B 150 14.30 -29.73 23.92
N VAL B 151 14.72 -28.81 24.78
CA VAL B 151 16.12 -28.53 24.97
C VAL B 151 16.70 -29.51 25.99
N ILE B 152 17.68 -30.30 25.54
CA ILE B 152 18.29 -31.31 26.39
C ILE B 152 19.54 -30.73 27.03
N ARG B 153 19.52 -30.63 28.35
CA ARG B 153 20.59 -30.00 29.10
CA ARG B 153 20.60 -30.00 29.08
C ARG B 153 21.31 -30.98 30.02
N SER B 154 20.79 -32.19 30.12
CA SER B 154 21.38 -33.23 30.97
C SER B 154 21.08 -34.64 30.47
N GLN B 155 21.82 -35.62 30.97
CA GLN B 155 21.57 -37.03 30.64
C GLN B 155 20.13 -37.39 30.92
N GLU B 156 19.61 -36.89 32.04
CA GLU B 156 18.24 -37.15 32.43
C GLU B 156 17.22 -36.62 31.42
N ASP B 157 17.53 -35.49 30.80
CA ASP B 157 16.63 -34.87 29.84
C ASP B 157 16.46 -35.70 28.57
N ILE B 158 17.38 -36.63 28.34
CA ILE B 158 17.38 -37.41 27.10
C ILE B 158 16.11 -38.25 27.02
N THR B 159 15.87 -39.04 28.06
CA THR B 159 14.64 -39.83 28.17
C THR B 159 13.41 -38.93 28.25
N LYS B 160 13.53 -37.82 28.97
CA LYS B 160 12.42 -36.88 29.07
C LYS B 160 12.02 -36.30 27.72
N ALA B 161 13.02 -35.87 26.94
CA ALA B 161 12.79 -35.32 25.61
C ALA B 161 12.15 -36.35 24.70
N TRP B 162 12.70 -37.57 24.74
CA TRP B 162 12.18 -38.65 23.91
C TRP B 162 10.73 -38.92 24.27
N ASP B 163 10.43 -39.00 25.56
CA ASP B 163 9.07 -39.30 25.99
C ASP B 163 8.06 -38.23 25.56
N VAL B 164 8.50 -36.98 25.54
CA VAL B 164 7.63 -35.88 25.12
C VAL B 164 7.37 -35.88 23.62
N LEU B 165 8.41 -36.13 22.83
CA LEU B 165 8.33 -35.91 21.39
C LEU B 165 8.22 -37.17 20.52
N LYS B 166 8.32 -38.36 21.13
CA LYS B 166 8.47 -39.61 20.36
C LYS B 166 7.34 -39.94 19.41
N ASP B 167 6.15 -39.42 19.67
CA ASP B 167 4.99 -39.82 18.88
C ASP B 167 4.74 -38.92 17.67
N ALA B 168 5.65 -37.98 17.41
CA ALA B 168 5.56 -37.16 16.20
C ALA B 168 5.63 -38.05 14.97
N PRO B 169 4.54 -38.09 14.20
CA PRO B 169 4.44 -39.02 13.06
C PRO B 169 5.45 -38.76 11.94
N ASP B 170 5.95 -37.53 11.82
CA ASP B 170 6.87 -37.21 10.74
C ASP B 170 8.33 -37.27 11.21
N GLY B 171 8.53 -37.76 12.43
CA GLY B 171 9.87 -38.00 12.93
C GLY B 171 10.52 -36.82 13.62
N LEU B 172 11.77 -37.02 14.01
CA LEU B 172 12.47 -36.05 14.87
C LEU B 172 13.90 -35.87 14.42
N ILE B 173 14.49 -34.73 14.78
CA ILE B 173 15.89 -34.47 14.53
CA ILE B 173 15.92 -34.55 14.58
C ILE B 173 16.58 -34.01 15.83
N TYR B 174 17.80 -34.48 16.04
CA TYR B 174 18.67 -33.97 17.08
C TYR B 174 19.44 -32.82 16.45
N GLU B 175 19.53 -31.68 17.14
CA GLU B 175 20.46 -30.63 16.74
C GLU B 175 21.43 -30.34 17.89
N ALA B 176 22.72 -30.25 17.56
CA ALA B 176 23.68 -29.76 18.53
C ALA B 176 23.33 -28.31 18.86
N PHE B 177 23.51 -27.92 20.12
CA PHE B 177 23.21 -26.54 20.51
C PHE B 177 24.30 -25.62 19.99
N VAL B 178 23.88 -24.60 19.25
CA VAL B 178 24.80 -23.62 18.69
C VAL B 178 24.97 -22.44 19.64
N ASP B 179 26.22 -22.17 20.00
CA ASP B 179 26.53 -20.98 20.79
C ASP B 179 26.74 -19.85 19.80
N PHE B 180 25.78 -18.93 19.76
CA PHE B 180 25.87 -17.80 18.83
C PHE B 180 25.66 -16.50 19.58
N ASP B 181 26.04 -15.40 18.94
CA ASP B 181 25.92 -14.08 19.55
C ASP B 181 24.57 -13.43 19.26
N TYR B 182 24.12 -13.55 18.02
CA TYR B 182 22.82 -13.00 17.63
C TYR B 182 22.36 -13.67 16.35
N GLU B 183 21.17 -13.28 15.90
CA GLU B 183 20.55 -13.91 14.75
C GLU B 183 20.24 -12.87 13.68
N VAL B 184 20.46 -13.24 12.43
CA VAL B 184 20.12 -12.36 11.32
C VAL B 184 19.44 -13.18 10.24
N SER B 185 18.75 -12.48 9.34
CA SER B 185 18.16 -13.15 8.19
C SER B 185 18.48 -12.42 6.92
N GLN B 186 18.59 -13.22 5.86
CA GLN B 186 18.75 -12.70 4.49
C GLN B 186 17.49 -12.98 3.71
N ILE B 187 16.83 -11.93 3.28
CA ILE B 187 15.70 -12.05 2.36
C ILE B 187 16.14 -11.57 0.99
N CYS B 188 15.72 -12.29 -0.03
CA CYS B 188 16.04 -11.91 -1.40
C CYS B 188 14.92 -12.36 -2.30
N THR B 189 14.93 -11.91 -3.54
CA THR B 189 13.90 -12.31 -4.48
C THR B 189 14.56 -12.66 -5.79
N ALA B 190 14.16 -13.79 -6.37
CA ALA B 190 14.70 -14.21 -7.67
C ALA B 190 13.62 -14.17 -8.75
N ASP B 191 13.98 -13.67 -9.94
CA ASP B 191 13.00 -13.59 -11.02
C ASP B 191 13.02 -14.84 -11.93
N LEU B 192 12.24 -14.83 -13.00
CA LEU B 192 12.12 -16.02 -13.87
C LEU B 192 13.42 -16.39 -14.58
N LYS B 193 14.35 -15.45 -14.64
CA LYS B 193 15.60 -15.63 -15.38
C LYS B 193 16.78 -15.84 -14.43
N GLY B 194 16.48 -15.92 -13.14
CA GLY B 194 17.50 -16.21 -12.16
C GLY B 194 18.21 -15.00 -11.59
N ASN B 195 17.76 -13.81 -11.96
CA ASN B 195 18.32 -12.59 -11.36
C ASN B 195 17.84 -12.45 -9.93
N ILE B 196 18.73 -12.00 -9.05
CA ILE B 196 18.38 -11.89 -7.64
C ILE B 196 18.48 -10.45 -7.15
N ALA B 197 17.43 -10.00 -6.50
CA ALA B 197 17.44 -8.72 -5.78
C ALA B 197 17.64 -9.05 -4.31
N PHE B 198 18.68 -8.47 -3.72
CA PHE B 198 18.99 -8.67 -2.30
C PHE B 198 18.51 -7.51 -1.45
N TYR B 199 18.03 -7.86 -0.26
CA TYR B 199 17.79 -6.88 0.78
C TYR B 199 18.99 -6.90 1.70
N PRO B 200 19.21 -5.81 2.45
CA PRO B 200 20.24 -5.92 3.48
C PRO B 200 19.83 -6.96 4.52
N LEU B 201 20.80 -7.43 5.28
CA LEU B 201 20.50 -8.31 6.42
C LEU B 201 19.64 -7.58 7.42
N ALA B 202 18.81 -8.34 8.12
CA ALA B 202 18.06 -7.84 9.26
C ALA B 202 18.51 -8.62 10.48
N ARG B 203 18.66 -7.92 11.61
CA ARG B 203 18.96 -8.59 12.88
C ARG B 203 17.65 -8.82 13.62
N ASN B 204 17.44 -10.04 14.05
CA ASN B 204 16.15 -10.44 14.59
C ASN B 204 16.20 -10.81 16.05
N THR B 205 15.27 -10.26 16.83
CA THR B 205 15.21 -10.51 18.26
C THR B 205 14.07 -11.47 18.55
N HIS B 206 14.36 -12.51 19.34
CA HIS B 206 13.37 -13.52 19.67
C HIS B 206 13.07 -13.51 21.16
N LYS B 207 11.86 -13.91 21.51
CA LYS B 207 11.48 -14.10 22.89
C LYS B 207 10.59 -15.33 22.94
N GLN B 208 10.95 -16.29 23.80
CA GLN B 208 10.20 -17.54 23.92
C GLN B 208 10.01 -18.25 22.58
N GLY B 209 10.99 -18.13 21.69
CA GLY B 209 10.96 -18.83 20.42
C GLY B 209 10.24 -18.14 19.28
N ILE B 210 9.72 -16.94 19.54
CA ILE B 210 8.99 -16.17 18.55
CA ILE B 210 9.02 -16.20 18.51
C ILE B 210 9.72 -14.87 18.23
N ILE B 211 9.80 -14.50 16.95
CA ILE B 211 10.43 -13.23 16.61
C ILE B 211 9.57 -12.10 17.20
N VAL B 212 10.21 -11.14 17.85
CA VAL B 212 9.49 -10.00 18.40
C VAL B 212 9.94 -8.66 17.78
N GLU B 213 11.16 -8.62 17.23
CA GLU B 213 11.71 -7.40 16.64
C GLU B 213 12.59 -7.80 15.50
N SER B 214 12.68 -6.94 14.50
CA SER B 214 13.56 -7.14 13.37
C SER B 214 14.04 -5.75 12.96
N GLU B 215 15.34 -5.60 12.75
CA GLU B 215 15.88 -4.28 12.42
C GLU B 215 16.86 -4.37 11.26
N ALA B 216 16.70 -3.48 10.28
CA ALA B 216 17.55 -3.48 9.09
C ALA B 216 17.87 -2.03 8.72
N PRO B 217 19.01 -1.80 8.05
CA PRO B 217 20.02 -2.76 7.62
C PRO B 217 20.97 -3.12 8.75
N PHE B 218 21.28 -4.40 8.89
CA PHE B 218 22.37 -4.79 9.76
C PHE B 218 23.63 -4.71 8.94
N GLU B 219 24.48 -3.74 9.25
CA GLU B 219 25.65 -3.45 8.43
CA GLU B 219 25.65 -3.45 8.42
C GLU B 219 26.85 -4.29 8.83
N ASN B 220 27.27 -5.18 7.94
CA ASN B 220 28.44 -5.99 8.11
C ASN B 220 28.71 -6.61 6.74
N VAL B 221 29.70 -6.06 6.04
CA VAL B 221 29.88 -6.43 4.64
C VAL B 221 30.37 -7.87 4.50
N VAL B 222 31.19 -8.33 5.44
CA VAL B 222 31.65 -9.71 5.41
C VAL B 222 30.48 -10.68 5.57
N LEU B 223 29.62 -10.43 6.55
CA LEU B 223 28.47 -11.29 6.78
C LEU B 223 27.47 -11.20 5.63
N ALA B 224 27.24 -9.99 5.12
CA ALA B 224 26.31 -9.83 4.02
C ALA B 224 26.77 -10.58 2.77
N GLU B 225 28.06 -10.50 2.47
CA GLU B 225 28.61 -11.23 1.32
C GLU B 225 28.44 -12.74 1.48
N LYS B 226 28.71 -13.25 2.68
CA LYS B 226 28.54 -14.67 2.94
C LYS B 226 27.09 -15.09 2.77
N ALA B 227 26.17 -14.26 3.28
CA ALA B 227 24.76 -14.58 3.21
C ALA B 227 24.30 -14.57 1.75
N GLN B 228 24.80 -13.62 0.97
CA GLN B 228 24.42 -13.54 -0.43
C GLN B 228 24.92 -14.75 -1.22
N GLN B 229 26.13 -15.20 -0.91
CA GLN B 229 26.68 -16.36 -1.62
C GLN B 229 25.88 -17.63 -1.31
N ILE B 230 25.44 -17.76 -0.06
CA ILE B 230 24.56 -18.87 0.32
C ILE B 230 23.21 -18.78 -0.42
N ALA B 231 22.61 -17.60 -0.44
CA ALA B 231 21.35 -17.40 -1.18
C ALA B 231 21.49 -17.77 -2.66
N LYS B 232 22.61 -17.41 -3.27
CA LYS B 232 22.83 -17.73 -4.66
C LYS B 232 22.85 -19.24 -4.93
N ILE B 233 23.46 -20.00 -4.01
CA ILE B 233 23.42 -21.46 -4.10
C ILE B 233 22.00 -21.98 -4.04
N LEU B 234 21.22 -21.49 -3.08
CA LEU B 234 19.86 -21.97 -2.91
C LEU B 234 18.99 -21.62 -4.13
N VAL B 235 19.10 -20.39 -4.61
CA VAL B 235 18.32 -20.01 -5.80
C VAL B 235 18.64 -20.90 -7.00
N LYS B 236 19.92 -21.17 -7.23
CA LYS B 236 20.32 -22.03 -8.32
C LYS B 236 19.81 -23.47 -8.16
N GLU B 237 20.02 -24.06 -6.98
CA GLU B 237 19.66 -25.46 -6.79
C GLU B 237 18.16 -25.73 -6.74
N PHE B 238 17.39 -24.73 -6.33
CA PHE B 238 15.94 -24.87 -6.24
C PHE B 238 15.27 -24.43 -7.53
N ALA B 239 16.07 -23.85 -8.42
CA ALA B 239 15.55 -23.16 -9.61
C ALA B 239 14.49 -22.17 -9.15
N TYR B 240 14.87 -21.38 -8.13
CA TYR B 240 13.92 -20.64 -7.32
C TYR B 240 13.38 -19.38 -7.96
N VAL B 241 12.07 -19.18 -7.85
CA VAL B 241 11.42 -17.95 -8.27
C VAL B 241 10.55 -17.43 -7.13
N GLY B 242 10.75 -16.16 -6.77
CA GLY B 242 10.02 -15.56 -5.68
C GLY B 242 10.92 -15.06 -4.58
N THR B 243 10.31 -14.60 -3.50
CA THR B 243 11.05 -14.20 -2.30
C THR B 243 11.43 -15.44 -1.49
N LEU B 244 12.68 -15.45 -1.03
CA LEU B 244 13.26 -16.52 -0.22
C LEU B 244 13.80 -15.90 1.06
N ALA B 245 13.60 -16.58 2.17
CA ALA B 245 14.13 -16.12 3.47
C ALA B 245 15.09 -17.16 4.06
N ILE B 246 16.26 -16.70 4.48
CA ILE B 246 17.22 -17.57 5.14
C ILE B 246 17.52 -17.00 6.51
N GLU B 247 17.36 -17.82 7.56
CA GLU B 247 17.68 -17.39 8.93
C GLU B 247 19.03 -17.96 9.32
N PHE B 248 19.84 -17.14 9.97
CA PHE B 248 21.19 -17.53 10.36
C PHE B 248 21.44 -17.30 11.85
N PHE B 249 22.36 -18.08 12.40
CA PHE B 249 22.97 -17.79 13.68
C PHE B 249 24.29 -17.11 13.35
N VAL B 250 24.66 -16.09 14.13
CA VAL B 250 25.92 -15.40 13.89
C VAL B 250 26.86 -15.61 15.07
N LYS B 251 28.08 -16.05 14.78
CA LYS B 251 29.14 -16.12 15.77
C LYS B 251 30.38 -15.44 15.22
N GLY B 252 30.61 -14.20 15.64
CA GLY B 252 31.71 -13.42 15.09
C GLY B 252 31.50 -13.16 13.61
N ASP B 253 32.45 -13.62 12.80
CA ASP B 253 32.37 -13.44 11.36
C ASP B 253 31.80 -14.68 10.68
N GLU B 254 31.33 -15.62 11.48
CA GLU B 254 30.79 -16.88 10.96
C GLU B 254 29.27 -16.91 10.89
N LEU B 255 28.76 -17.39 9.76
CA LEU B 255 27.32 -17.54 9.54
C LEU B 255 26.96 -19.02 9.56
N ILE B 256 25.93 -19.36 10.33
CA ILE B 256 25.44 -20.73 10.38
C ILE B 256 23.98 -20.71 10.01
N VAL B 257 23.59 -21.49 9.00
CA VAL B 257 22.19 -21.50 8.61
C VAL B 257 21.37 -22.19 9.69
N ASN B 258 20.31 -21.52 10.12
CA ASN B 258 19.33 -22.12 11.02
C ASN B 258 18.28 -22.85 10.19
N GLU B 259 17.51 -22.09 9.42
CA GLU B 259 16.52 -22.68 8.52
C GLU B 259 16.10 -21.71 7.45
N ILE B 260 15.36 -22.22 6.47
CA ILE B 260 14.88 -21.39 5.38
C ILE B 260 13.37 -21.47 5.25
N ALA B 261 12.81 -20.44 4.64
CA ALA B 261 11.38 -20.42 4.35
C ALA B 261 11.24 -19.93 2.92
N PRO B 262 10.53 -20.72 2.09
CA PRO B 262 10.44 -20.40 0.66
C PRO B 262 9.27 -19.46 0.41
N ARG B 263 9.40 -18.26 0.96
CA ARG B 263 8.31 -17.31 0.98
C ARG B 263 8.73 -16.01 1.61
N VAL B 264 7.89 -15.00 1.45
CA VAL B 264 7.97 -13.81 2.28
C VAL B 264 7.92 -14.26 3.75
N HIS B 265 8.57 -13.49 4.61
CA HIS B 265 8.86 -13.94 5.97
C HIS B 265 8.75 -12.77 6.94
N ASN B 266 8.36 -13.07 8.17
CA ASN B 266 8.22 -12.08 9.23
C ASN B 266 9.45 -11.17 9.34
N SER B 267 10.65 -11.73 9.18
CA SER B 267 11.87 -10.91 9.30
C SER B 267 12.09 -9.94 8.13
N GLY B 268 11.20 -9.94 7.14
CA GLY B 268 11.23 -8.96 6.08
C GLY B 268 10.10 -7.94 6.09
N HIS B 269 9.26 -7.97 7.13
CA HIS B 269 8.12 -7.04 7.17
C HIS B 269 8.57 -5.58 7.24
N TRP B 270 9.77 -5.34 7.75
CA TRP B 270 10.31 -3.98 7.82
C TRP B 270 10.35 -3.35 6.43
N SER B 271 10.48 -4.18 5.42
CA SER B 271 10.70 -3.69 4.06
C SER B 271 9.49 -3.01 3.45
N ILE B 272 8.32 -3.20 4.05
CA ILE B 272 7.13 -2.47 3.61
C ILE B 272 7.37 -0.97 3.71
N ASP B 273 8.03 -0.55 4.79
CA ASP B 273 8.25 0.87 5.04
C ASP B 273 9.71 1.28 4.99
N GLY B 274 10.61 0.33 4.78
CA GLY B 274 12.02 0.65 4.73
C GLY B 274 12.77 0.36 3.43
N ALA B 275 12.10 -0.21 2.44
CA ALA B 275 12.74 -0.48 1.15
C ALA B 275 11.94 0.14 0.02
N VAL B 276 12.62 0.50 -1.07
CA VAL B 276 11.93 1.06 -2.25
C VAL B 276 10.88 0.09 -2.79
N THR B 277 11.20 -1.20 -2.73
CA THR B 277 10.26 -2.25 -3.12
C THR B 277 10.28 -3.30 -2.01
N SER B 278 9.13 -3.55 -1.41
CA SER B 278 9.06 -4.47 -0.28
C SER B 278 9.20 -5.92 -0.73
N GLN B 279 9.45 -6.81 0.23
CA GLN B 279 9.53 -8.23 -0.06
C GLN B 279 8.26 -8.77 -0.70
N PHE B 280 7.13 -8.13 -0.39
CA PHE B 280 5.84 -8.55 -0.92
C PHE B 280 5.67 -8.10 -2.37
N GLU B 281 5.97 -6.83 -2.65
CA GLU B 281 5.88 -6.35 -4.02
C GLU B 281 6.83 -7.14 -4.88
N ASN B 282 8.03 -7.43 -4.35
CA ASN B 282 8.98 -8.17 -5.18
C ASN B 282 8.61 -9.65 -5.39
N HIS B 283 7.99 -10.29 -4.41
CA HIS B 283 7.50 -11.65 -4.61
C HIS B 283 6.50 -11.65 -5.75
N VAL B 284 5.59 -10.68 -5.72
CA VAL B 284 4.58 -10.57 -6.77
C VAL B 284 5.22 -10.31 -8.14
N ARG B 285 6.16 -9.39 -8.21
CA ARG B 285 6.86 -9.12 -9.48
C ARG B 285 7.55 -10.36 -10.02
N ALA B 286 8.24 -11.09 -9.14
CA ALA B 286 8.92 -12.31 -9.53
C ALA B 286 7.97 -13.30 -10.19
N ILE B 287 6.91 -13.67 -9.47
CA ILE B 287 6.03 -14.72 -9.96
C ILE B 287 5.22 -14.27 -11.17
N ALA B 288 5.04 -12.95 -11.30
CA ALA B 288 4.28 -12.38 -12.40
C ALA B 288 5.10 -12.21 -13.67
N GLY B 289 6.38 -12.56 -13.62
CA GLY B 289 7.25 -12.42 -14.79
C GLY B 289 7.71 -10.99 -15.06
N LEU B 290 7.70 -10.17 -14.03
CA LEU B 290 8.13 -8.78 -14.14
C LEU B 290 9.56 -8.64 -13.64
N ILE B 291 10.22 -7.59 -14.12
CA ILE B 291 11.53 -7.23 -13.59
CA ILE B 291 11.53 -7.18 -13.59
C ILE B 291 11.37 -6.79 -12.12
N LEU B 292 12.35 -7.15 -11.29
CA LEU B 292 12.28 -6.86 -9.87
C LEU B 292 12.50 -5.37 -9.58
N GLY B 293 11.87 -4.91 -8.51
CA GLY B 293 12.01 -3.52 -8.08
C GLY B 293 13.27 -3.29 -7.28
N ASP B 294 13.73 -2.04 -7.32
CA ASP B 294 14.88 -1.59 -6.57
C ASP B 294 14.67 -1.83 -5.07
N THR B 295 15.72 -2.25 -4.38
CA THR B 295 15.60 -2.59 -2.96
C THR B 295 16.41 -1.68 -2.04
N THR B 296 16.73 -0.48 -2.51
CA THR B 296 17.43 0.49 -1.66
C THR B 296 16.68 0.68 -0.35
N SER B 297 17.41 0.59 0.75
CA SER B 297 16.78 0.50 2.07
C SER B 297 17.25 1.58 3.02
N ARG B 298 16.44 1.82 4.05
CA ARG B 298 16.77 2.80 5.09
C ARG B 298 16.49 2.17 6.44
N LYS B 299 17.19 2.66 7.46
CA LYS B 299 17.08 2.08 8.81
C LYS B 299 15.65 2.05 9.32
N THR B 300 15.20 0.84 9.68
CA THR B 300 13.80 0.59 10.05
C THR B 300 13.76 -0.50 11.10
N VAL B 301 12.90 -0.33 12.11
CA VAL B 301 12.66 -1.40 13.07
C VAL B 301 11.22 -1.87 12.90
N LEU B 303 8.32 -4.19 14.89
N LEU B 303 8.33 -4.19 14.90
CA LEU B 303 7.92 -4.80 16.16
CA LEU B 303 7.94 -4.82 16.16
C LEU B 303 6.67 -5.64 15.95
C LEU B 303 6.67 -5.64 15.96
N ASN B 304 6.71 -6.90 16.37
CA ASN B 304 5.56 -7.78 16.26
C ASN B 304 4.53 -7.54 17.35
N CYS B 305 3.26 -7.72 16.99
CA CYS B 305 2.16 -7.71 17.93
C CYS B 305 1.62 -9.12 18.06
N ILE B 306 1.93 -9.74 19.18
CA ILE B 306 1.62 -11.15 19.43
C ILE B 306 0.60 -11.25 20.54
N GLY B 307 -0.49 -11.97 20.29
CA GLY B 307 -1.47 -12.25 21.33
C GLY B 307 -2.42 -11.10 21.62
N GLY B 308 -2.16 -9.97 20.99
CA GLY B 308 -2.95 -8.77 21.13
C GLY B 308 -2.21 -7.63 20.47
N PRO B 310 -1.90 -3.03 20.50
CA PRO B 310 -2.38 -1.81 21.17
C PRO B 310 -3.52 -1.16 20.39
N ALA B 311 -4.35 -0.38 21.08
CA ALA B 311 -5.46 0.31 20.44
C ALA B 311 -4.95 1.23 19.34
N THR B 312 -5.66 1.26 18.22
CA THR B 312 -5.27 2.10 17.10
C THR B 312 -5.11 3.56 17.51
N LYS B 313 -5.99 4.05 18.38
CA LYS B 313 -5.88 5.45 18.81
C LYS B 313 -4.55 5.72 19.50
N ASP B 314 -4.03 4.75 20.25
CA ASP B 314 -2.76 4.94 20.94
C ASP B 314 -1.58 4.87 20.00
N LEU B 315 -1.64 3.96 19.05
CA LEU B 315 -0.60 3.86 18.02
C LEU B 315 -0.56 5.09 17.14
N ALA B 316 -1.72 5.55 16.69
CA ALA B 316 -1.80 6.70 15.78
C ALA B 316 -1.21 7.96 16.41
N ALA B 317 -1.26 8.05 17.73
CA ALA B 317 -0.71 9.21 18.45
C ALA B 317 0.80 9.32 18.29
N LEU B 318 1.44 8.20 17.96
CA LEU B 318 2.87 8.17 17.69
C LEU B 318 3.00 8.30 16.17
N ASP B 319 3.10 9.56 15.72
CA ASP B 319 2.68 9.88 14.35
C ASP B 319 3.60 9.44 13.22
N ARG B 320 4.77 8.90 13.57
CA ARG B 320 5.68 8.36 12.57
C ARG B 320 5.63 6.84 12.49
N VAL B 321 4.92 6.23 13.43
CA VAL B 321 4.81 4.77 13.42
C VAL B 321 3.88 4.33 12.29
N LYS B 322 4.32 3.34 11.51
CA LYS B 322 3.50 2.80 10.43
C LYS B 322 2.80 1.55 10.95
N ILE B 323 1.48 1.60 10.93
CA ILE B 323 0.64 0.58 11.54
C ILE B 323 0.29 -0.51 10.55
N HIS B 324 0.50 -1.77 10.97
CA HIS B 324 0.12 -2.91 10.12
C HIS B 324 -0.68 -3.92 10.91
N SER B 325 -1.95 -3.59 11.15
CA SER B 325 -2.88 -4.52 11.76
C SER B 325 -3.34 -5.51 10.71
N TYR B 326 -3.37 -6.79 11.05
CA TYR B 326 -3.80 -7.80 10.10
C TYR B 326 -5.29 -8.05 10.20
N ASN B 327 -5.96 -7.36 11.12
CA ASN B 327 -7.38 -7.56 11.36
C ASN B 327 -7.67 -9.02 11.71
N LYS B 328 -6.91 -9.56 12.68
CA LYS B 328 -7.06 -10.96 13.11
C LYS B 328 -7.51 -11.04 14.57
N GLU B 329 -8.26 -12.09 14.89
CA GLU B 329 -8.72 -12.32 16.25
C GLU B 329 -7.55 -12.63 17.17
N PRO B 330 -7.38 -11.82 18.23
CA PRO B 330 -6.31 -12.05 19.20
C PRO B 330 -6.49 -13.36 19.96
N ARG B 331 -5.38 -14.04 20.20
CA ARG B 331 -5.36 -15.31 20.89
C ARG B 331 -3.92 -15.43 21.34
N LYS B 332 -3.66 -16.13 22.45
CA LYS B 332 -2.30 -16.24 22.96
C LYS B 332 -1.34 -16.75 21.88
N GLY B 333 -0.24 -16.03 21.70
CA GLY B 333 0.80 -16.45 20.79
C GLY B 333 0.55 -16.14 19.33
N ARG B 334 -0.63 -15.58 19.03
CA ARG B 334 -1.00 -15.33 17.63
C ARG B 334 -0.45 -14.01 17.09
N LYS B 335 0.17 -14.05 15.92
CA LYS B 335 0.62 -12.82 15.30
C LYS B 335 -0.56 -12.08 14.69
N VAL B 336 -0.89 -10.91 15.24
CA VAL B 336 -2.08 -10.17 14.81
C VAL B 336 -1.75 -8.84 14.12
N GLY B 337 -0.49 -8.47 14.11
CA GLY B 337 -0.08 -7.29 13.37
C GLY B 337 1.38 -7.01 13.64
N HIS B 338 1.88 -5.92 13.04
CA HIS B 338 3.21 -5.42 13.39
C HIS B 338 3.24 -3.92 13.20
N LEU B 339 4.32 -3.32 13.70
CA LEU B 339 4.53 -1.89 13.59
C LEU B 339 5.89 -1.66 12.99
N ASN B 340 5.97 -0.74 12.01
CA ASN B 340 7.25 -0.37 11.44
C ASN B 340 7.58 1.07 11.78
N LEU B 341 8.86 1.36 11.98
CA LEU B 341 9.28 2.73 12.25
C LEU B 341 10.65 2.99 11.62
N ASN B 342 10.75 3.99 10.75
CA ASN B 342 12.06 4.40 10.25
C ASN B 342 12.79 5.09 11.40
N LEU B 343 14.07 4.80 11.51
CA LEU B 343 14.89 5.38 12.58
C LEU B 343 15.93 6.31 12.01
N ASN B 344 15.72 7.62 12.21
CA ASN B 344 16.65 8.63 11.74
C ASN B 344 17.15 9.54 12.86
N ASP B 345 16.25 9.85 13.80
CA ASP B 345 16.57 10.86 14.81
C ASP B 345 16.02 10.57 16.21
N GLU B 346 16.21 11.52 17.12
CA GLU B 346 15.81 11.33 18.52
C GLU B 346 14.30 11.22 18.68
N THR B 347 13.54 11.87 17.79
CA THR B 347 12.09 11.80 17.86
C THR B 347 11.65 10.37 17.54
N ASP B 348 12.30 9.77 16.55
CA ASP B 348 12.05 8.38 16.18
C ASP B 348 12.37 7.46 17.36
N GLU B 349 13.49 7.72 18.02
CA GLU B 349 13.85 6.90 19.18
C GLU B 349 12.83 7.02 20.31
N TYR B 350 12.28 8.23 20.48
CA TYR B 350 11.24 8.44 21.49
C TYR B 350 9.99 7.66 21.12
N GLN B 351 9.56 7.76 19.87
CA GLN B 351 8.35 7.05 19.47
C GLN B 351 8.53 5.53 19.60
N LEU B 352 9.75 5.05 19.36
CA LEU B 352 10.04 3.62 19.53
C LEU B 352 9.85 3.21 20.98
N LEU B 353 10.35 4.00 21.93
CA LEU B 353 10.17 3.68 23.35
C LEU B 353 8.69 3.65 23.71
N GLN B 354 7.91 4.55 23.12
CA GLN B 354 6.47 4.58 23.34
C GLN B 354 5.76 3.36 22.75
N VAL B 355 6.16 2.94 21.56
CA VAL B 355 5.60 1.72 20.97
C VAL B 355 5.87 0.55 21.89
N LYS B 356 7.10 0.47 22.38
CA LYS B 356 7.48 -0.64 23.25
C LYS B 356 6.65 -0.64 24.53
N LYS B 357 6.35 0.53 25.08
CA LYS B 357 5.47 0.65 26.23
C LYS B 357 4.10 0.05 25.90
N LEU B 358 3.54 0.44 24.77
CA LEU B 358 2.20 -0.02 24.39
C LEU B 358 2.17 -1.52 24.16
N ILE B 359 3.20 -2.05 23.50
CA ILE B 359 3.26 -3.48 23.20
C ILE B 359 3.37 -4.29 24.49
N ALA B 360 4.10 -3.78 25.47
CA ALA B 360 4.19 -4.48 26.75
C ALA B 360 2.81 -4.71 27.38
N LEU B 361 1.89 -3.77 27.13
CA LEU B 361 0.55 -3.86 27.69
C LEU B 361 -0.36 -4.83 26.92
N SER B 362 -0.12 -4.98 25.63
CA SER B 362 -1.02 -5.76 24.77
C SER B 362 -0.55 -7.19 24.51
N GLU B 363 0.74 -7.44 24.69
CA GLU B 363 1.34 -8.72 24.30
C GLU B 363 0.88 -9.89 25.15
N GLU B 364 0.64 -11.03 24.50
CA GLU B 364 0.34 -12.27 25.20
C GLU B 364 1.02 -13.44 24.50
N ILE B 365 2.14 -13.89 25.06
CA ILE B 365 2.87 -15.03 24.51
C ILE B 365 2.75 -16.26 25.41
#